data_1D2H
#
_entry.id   1D2H
#
_cell.length_a   77.9
_cell.length_b   77.9
_cell.length_c   227.1
_cell.angle_alpha   90
_cell.angle_beta   90
_cell.angle_gamma   90
#
_symmetry.space_group_name_H-M   'P 43'
#
loop_
_entity.id
_entity.type
_entity.pdbx_description
1 polymer 'GLYCINE N-METHYLTRANSFERASE'
2 non-polymer S-ADENOSYL-L-HOMOCYSTEINE
3 water water
#
_entity_poly.entity_id   1
_entity_poly.type   'polypeptide(L)'
_entity_poly.pdbx_seq_one_letter_code
;VDSVYRTRSLGVAAEGIPDQYADGEAARVWQLYIGDTRSRTAEYKAWLLGLLRQHGCHRVLDVACGTGVDSIMLVEEGFS
VTSVDASDKMLKYALKERWNRRKEPAFDKWVIEEANWLTLDKDVPAGDGFDAVICLGNSFAHLPDSKGDQSEHRLALKNI
ASMVRPGGLLVIDHKNYDYILSTGCAPPGKNIYYKSDLTKDITTSVLTVNNKAHMVTLDYTVQVPGAGRDGAPGFSKFRL
SYYPHCLASFTELVQEAFGGRCQHSVLGDFKPYRPGQAYVPCYFIHVLKKTG
;
_entity_poly.pdbx_strand_id   A,B,C,D
#
# COMPACT_ATOMS: atom_id res chain seq x y z
N THR A 41 -24.19 -31.56 -3.44
CA THR A 41 -24.45 -32.97 -3.19
C THR A 41 -25.90 -33.23 -2.80
N ALA A 42 -26.72 -33.54 -3.79
CA ALA A 42 -28.13 -33.81 -3.57
C ALA A 42 -28.41 -34.37 -2.18
N GLU A 43 -27.65 -35.39 -1.79
CA GLU A 43 -27.84 -36.01 -0.47
C GLU A 43 -28.01 -34.94 0.59
N TYR A 44 -26.99 -34.08 0.73
CA TYR A 44 -27.02 -33.01 1.70
C TYR A 44 -28.43 -32.44 1.80
N LYS A 45 -29.00 -32.07 0.67
CA LYS A 45 -30.33 -31.49 0.62
C LYS A 45 -31.37 -32.31 1.40
N ALA A 46 -31.54 -33.56 1.01
CA ALA A 46 -32.49 -34.47 1.64
C ALA A 46 -32.47 -34.44 3.16
N TRP A 47 -31.36 -34.86 3.75
CA TRP A 47 -31.22 -34.90 5.20
C TRP A 47 -31.65 -33.64 5.93
N LEU A 48 -31.09 -32.49 5.54
CA LEU A 48 -31.42 -31.21 6.18
C LEU A 48 -32.89 -30.91 6.11
N LEU A 49 -33.43 -30.87 4.89
CA LEU A 49 -34.85 -30.58 4.72
C LEU A 49 -35.64 -31.36 5.77
N GLY A 50 -35.44 -32.68 5.78
CA GLY A 50 -36.15 -33.52 6.74
C GLY A 50 -36.07 -33.00 8.17
N LEU A 51 -34.87 -32.93 8.71
CA LEU A 51 -34.67 -32.44 10.08
C LEU A 51 -35.55 -31.22 10.32
N LEU A 52 -35.61 -30.33 9.33
CA LEU A 52 -36.41 -29.13 9.42
C LEU A 52 -37.87 -29.50 9.59
N ARG A 53 -38.35 -30.37 8.72
CA ARG A 53 -39.73 -30.83 8.76
C ARG A 53 -40.01 -31.65 10.01
N GLN A 54 -39.21 -32.70 10.20
CA GLN A 54 -39.37 -33.57 11.36
C GLN A 54 -39.45 -32.75 12.64
N HIS A 55 -38.92 -31.52 12.61
CA HIS A 55 -38.94 -30.67 13.79
C HIS A 55 -39.87 -29.49 13.61
N GLY A 56 -40.74 -29.57 12.62
CA GLY A 56 -41.72 -28.54 12.34
C GLY A 56 -41.19 -27.11 12.31
N CYS A 57 -40.13 -26.90 11.53
CA CYS A 57 -39.55 -25.57 11.43
C CYS A 57 -40.04 -24.95 10.13
N HIS A 58 -40.30 -23.65 10.18
CA HIS A 58 -40.78 -22.92 9.02
C HIS A 58 -39.97 -21.67 8.86
N ARG A 59 -39.91 -20.89 9.93
CA ARG A 59 -39.15 -19.67 9.92
C ARG A 59 -37.70 -20.08 10.09
N VAL A 60 -36.89 -19.77 9.08
CA VAL A 60 -35.47 -20.12 9.14
C VAL A 60 -34.60 -18.92 8.86
N LEU A 61 -33.74 -18.57 9.82
CA LEU A 61 -32.82 -17.45 9.65
C LEU A 61 -31.50 -18.02 9.17
N ASP A 62 -31.04 -17.53 8.02
CA ASP A 62 -29.79 -17.97 7.44
C ASP A 62 -28.73 -16.93 7.75
N VAL A 63 -27.91 -17.19 8.75
CA VAL A 63 -26.86 -16.25 9.15
C VAL A 63 -25.67 -16.21 8.22
N ALA A 64 -25.86 -16.62 6.98
CA ALA A 64 -24.77 -16.63 6.01
C ALA A 64 -25.33 -16.84 4.61
N CYS A 65 -26.12 -15.88 4.13
CA CYS A 65 -26.73 -16.02 2.82
C CYS A 65 -25.77 -16.33 1.68
N GLY A 66 -24.57 -15.76 1.71
CA GLY A 66 -23.63 -16.02 0.63
C GLY A 66 -24.30 -15.64 -0.66
N THR A 67 -24.37 -16.56 -1.62
CA THR A 67 -25.01 -16.26 -2.90
C THR A 67 -26.50 -16.61 -2.92
N GLY A 68 -26.97 -17.30 -1.90
CA GLY A 68 -28.38 -17.66 -1.84
C GLY A 68 -28.63 -19.17 -1.86
N VAL A 69 -27.61 -19.91 -2.27
CA VAL A 69 -27.66 -21.36 -2.38
C VAL A 69 -28.70 -22.05 -1.49
N ASP A 70 -28.44 -22.10 -0.19
CA ASP A 70 -29.37 -22.76 0.74
C ASP A 70 -30.71 -22.05 0.85
N SER A 71 -30.68 -20.78 1.24
CA SER A 71 -31.92 -20.04 1.37
C SER A 71 -32.79 -20.29 0.15
N ILE A 72 -32.23 -20.08 -1.04
CA ILE A 72 -33.01 -20.31 -2.25
C ILE A 72 -33.76 -21.62 -2.10
N MET A 73 -33.03 -22.66 -1.70
CA MET A 73 -33.60 -23.98 -1.49
C MET A 73 -34.79 -23.94 -0.54
N LEU A 74 -34.53 -23.69 0.73
CA LEU A 74 -35.59 -23.62 1.73
C LEU A 74 -36.72 -22.81 1.11
N VAL A 75 -36.36 -21.71 0.46
CA VAL A 75 -37.32 -20.83 -0.20
C VAL A 75 -38.32 -21.68 -0.99
N GLU A 76 -37.85 -22.29 -2.07
CA GLU A 76 -38.72 -23.14 -2.88
C GLU A 76 -39.33 -24.21 -1.98
N GLU A 77 -38.49 -24.80 -1.12
CA GLU A 77 -38.92 -25.84 -0.20
C GLU A 77 -40.16 -25.41 0.56
N GLY A 78 -40.47 -24.12 0.51
CA GLY A 78 -41.62 -23.59 1.21
C GLY A 78 -41.34 -23.24 2.66
N PHE A 79 -40.38 -22.33 2.87
CA PHE A 79 -40.01 -21.90 4.22
C PHE A 79 -39.92 -20.39 4.27
N SER A 80 -40.29 -19.80 5.41
CA SER A 80 -40.20 -18.36 5.55
C SER A 80 -38.72 -18.11 5.83
N VAL A 81 -37.95 -18.00 4.76
CA VAL A 81 -36.52 -17.79 4.87
C VAL A 81 -36.06 -16.34 4.88
N THR A 82 -35.46 -15.97 5.99
CA THR A 82 -34.93 -14.64 6.16
C THR A 82 -33.42 -14.84 6.21
N SER A 83 -32.78 -14.67 5.06
CA SER A 83 -31.34 -14.81 4.95
C SER A 83 -30.66 -13.46 4.95
N VAL A 84 -29.55 -13.42 5.70
CA VAL A 84 -28.70 -12.24 5.85
C VAL A 84 -27.23 -12.66 5.85
N ASP A 85 -26.39 -11.82 5.25
CA ASP A 85 -24.95 -12.05 5.15
C ASP A 85 -24.27 -10.70 5.39
N ALA A 86 -23.00 -10.72 5.75
CA ALA A 86 -22.27 -9.49 6.01
C ALA A 86 -21.61 -8.89 4.78
N SER A 87 -21.72 -9.54 3.64
CA SER A 87 -21.07 -9.04 2.43
C SER A 87 -21.96 -8.52 1.31
N ASP A 88 -21.70 -7.28 0.91
CA ASP A 88 -22.41 -6.62 -0.16
C ASP A 88 -22.21 -7.42 -1.45
N LYS A 89 -20.95 -7.65 -1.81
CA LYS A 89 -20.59 -8.37 -3.02
C LYS A 89 -21.34 -9.68 -3.18
N MET A 90 -21.41 -10.46 -2.12
CA MET A 90 -22.11 -11.75 -2.15
C MET A 90 -23.62 -11.55 -2.23
N LEU A 91 -24.20 -10.95 -1.19
CA LEU A 91 -25.64 -10.71 -1.16
C LEU A 91 -26.12 -10.28 -2.54
N LYS A 92 -25.36 -9.36 -3.15
CA LYS A 92 -25.69 -8.84 -4.47
C LYS A 92 -26.28 -9.90 -5.38
N TYR A 93 -25.71 -11.10 -5.30
CA TYR A 93 -26.14 -12.23 -6.12
C TYR A 93 -27.40 -12.95 -5.64
N ALA A 94 -27.57 -13.12 -4.33
CA ALA A 94 -28.76 -13.79 -3.83
C ALA A 94 -29.94 -12.92 -4.19
N LEU A 95 -29.72 -11.61 -4.07
CA LEU A 95 -30.73 -10.62 -4.40
C LEU A 95 -31.18 -10.80 -5.85
N LYS A 96 -30.22 -10.91 -6.76
CA LYS A 96 -30.54 -11.08 -8.17
C LYS A 96 -31.50 -12.23 -8.38
N GLU A 97 -31.17 -13.39 -7.82
CA GLU A 97 -32.01 -14.57 -7.93
C GLU A 97 -33.44 -14.20 -7.58
N ARG A 98 -33.58 -13.37 -6.56
CA ARG A 98 -34.90 -12.93 -6.13
C ARG A 98 -35.60 -12.18 -7.25
N TRP A 99 -35.05 -11.04 -7.65
CA TRP A 99 -35.68 -10.25 -8.70
C TRP A 99 -36.23 -11.14 -9.81
N ASN A 100 -35.36 -11.94 -10.41
CA ASN A 100 -35.77 -12.84 -11.48
C ASN A 100 -37.03 -13.63 -11.10
N ARG A 101 -36.93 -14.42 -10.05
CA ARG A 101 -38.05 -15.22 -9.58
C ARG A 101 -39.00 -14.37 -8.74
N ARG A 102 -38.85 -13.06 -8.83
CA ARG A 102 -39.70 -12.14 -8.07
C ARG A 102 -41.14 -12.43 -8.45
N LYS A 103 -41.30 -12.99 -9.66
CA LYS A 103 -42.61 -13.34 -10.17
C LYS A 103 -43.20 -14.50 -9.39
N GLU A 104 -42.32 -15.31 -8.80
CA GLU A 104 -42.75 -16.45 -8.01
C GLU A 104 -43.16 -16.04 -6.61
N PRO A 105 -44.48 -16.13 -6.32
CA PRO A 105 -45.01 -15.76 -5.01
C PRO A 105 -44.07 -16.17 -3.87
N ALA A 106 -43.41 -17.30 -4.06
CA ALA A 106 -42.49 -17.80 -3.05
C ALA A 106 -41.40 -16.77 -2.76
N PHE A 107 -40.55 -16.53 -3.75
CA PHE A 107 -39.43 -15.59 -3.62
C PHE A 107 -39.78 -14.16 -3.26
N ASP A 108 -40.94 -13.69 -3.68
CA ASP A 108 -41.34 -12.32 -3.35
C ASP A 108 -41.17 -12.11 -1.84
N LYS A 109 -41.49 -13.15 -1.07
CA LYS A 109 -41.41 -13.10 0.40
C LYS A 109 -39.97 -13.17 0.94
N TRP A 110 -39.16 -14.04 0.34
CA TRP A 110 -37.77 -14.23 0.75
C TRP A 110 -37.10 -12.89 1.13
N VAL A 111 -36.26 -12.90 2.18
CA VAL A 111 -35.63 -11.64 2.59
C VAL A 111 -34.16 -11.65 2.99
N ILE A 112 -33.34 -11.07 2.13
CA ILE A 112 -31.89 -10.94 2.28
C ILE A 112 -31.54 -9.59 2.92
N GLU A 113 -30.70 -9.63 3.94
CA GLU A 113 -30.29 -8.42 4.64
C GLU A 113 -28.82 -8.45 4.98
N GLU A 114 -28.24 -7.27 5.11
CA GLU A 114 -26.85 -7.19 5.48
C GLU A 114 -26.87 -7.39 6.98
N ALA A 115 -25.78 -7.86 7.55
CA ALA A 115 -25.72 -8.10 8.98
C ALA A 115 -24.42 -8.81 9.30
N ASN A 116 -24.00 -8.74 10.55
CA ASN A 116 -22.76 -9.36 10.99
C ASN A 116 -22.98 -10.12 12.29
N TRP A 117 -22.48 -11.35 12.36
CA TRP A 117 -22.61 -12.14 13.57
C TRP A 117 -22.10 -11.36 14.79
N LEU A 118 -21.10 -10.51 14.55
CA LEU A 118 -20.49 -9.71 15.61
C LEU A 118 -21.44 -8.63 16.09
N THR A 119 -22.65 -8.62 15.55
CA THR A 119 -23.63 -7.63 15.95
C THR A 119 -25.04 -8.04 15.51
N LEU A 120 -25.20 -9.31 15.18
CA LEU A 120 -26.48 -9.86 14.73
C LEU A 120 -27.63 -9.23 15.51
N ASP A 121 -27.58 -9.34 16.84
CA ASP A 121 -28.62 -8.79 17.69
C ASP A 121 -29.21 -7.51 17.11
N LYS A 122 -28.49 -6.41 17.25
CA LYS A 122 -28.93 -5.12 16.75
C LYS A 122 -29.39 -5.16 15.30
N ASP A 123 -28.68 -5.95 14.48
CA ASP A 123 -29.00 -6.04 13.06
C ASP A 123 -30.12 -6.99 12.67
N VAL A 124 -30.57 -7.83 13.60
CA VAL A 124 -31.65 -8.77 13.30
C VAL A 124 -32.59 -8.98 14.48
N PRO A 125 -33.79 -8.39 14.41
CA PRO A 125 -34.77 -8.54 15.50
C PRO A 125 -35.65 -9.77 15.30
N ALA A 126 -35.35 -10.82 16.05
CA ALA A 126 -36.12 -12.05 15.96
C ALA A 126 -37.21 -12.09 17.02
N GLY A 127 -38.36 -11.50 16.69
CA GLY A 127 -39.49 -11.46 17.61
C GLY A 127 -39.40 -12.39 18.81
N ASP A 128 -39.60 -13.67 18.56
CA ASP A 128 -39.52 -14.68 19.62
C ASP A 128 -38.55 -15.74 19.15
N GLY A 129 -37.55 -15.30 18.39
CA GLY A 129 -36.55 -16.21 17.85
C GLY A 129 -37.14 -16.89 16.63
N PHE A 130 -36.34 -17.69 15.94
CA PHE A 130 -36.82 -18.39 14.75
C PHE A 130 -36.94 -19.88 15.06
N ASP A 131 -37.22 -20.68 14.02
CA ASP A 131 -37.35 -22.13 14.16
C ASP A 131 -36.03 -22.82 13.89
N ALA A 132 -35.39 -22.42 12.80
CA ALA A 132 -34.11 -23.01 12.42
C ALA A 132 -33.13 -21.94 11.96
N VAL A 133 -32.00 -21.85 12.65
CA VAL A 133 -30.96 -20.88 12.32
C VAL A 133 -29.78 -21.61 11.69
N ILE A 134 -29.65 -21.60 10.37
CA ILE A 134 -28.55 -22.29 9.74
C ILE A 134 -27.34 -21.41 9.42
N CYS A 135 -26.17 -21.99 9.63
CA CYS A 135 -24.86 -21.36 9.41
C CYS A 135 -24.01 -22.40 8.69
N LEU A 136 -24.54 -22.91 7.58
CA LEU A 136 -23.88 -23.91 6.73
C LEU A 136 -22.90 -23.27 5.76
N GLY A 137 -21.86 -24.02 5.39
CA GLY A 137 -20.87 -23.53 4.43
C GLY A 137 -19.50 -23.14 4.97
N ASN A 138 -19.20 -23.56 6.18
CA ASN A 138 -17.92 -23.22 6.79
C ASN A 138 -17.76 -21.72 6.75
N SER A 139 -18.87 -21.01 6.97
CA SER A 139 -18.85 -19.57 6.99
C SER A 139 -18.32 -19.08 8.32
N PHE A 140 -18.66 -19.76 9.41
CA PHE A 140 -18.20 -19.33 10.72
C PHE A 140 -16.68 -19.38 10.90
N ALA A 141 -15.99 -20.08 10.02
CA ALA A 141 -14.55 -20.17 10.11
C ALA A 141 -13.92 -18.82 9.77
N HIS A 142 -14.49 -18.14 8.78
CA HIS A 142 -13.98 -16.85 8.35
C HIS A 142 -13.73 -15.88 9.50
N LEU A 143 -14.54 -15.97 10.54
CA LEU A 143 -14.40 -15.10 11.70
C LEU A 143 -13.01 -15.30 12.33
N PRO A 144 -12.08 -14.36 12.09
CA PRO A 144 -10.71 -14.41 12.61
C PRO A 144 -10.58 -14.06 14.08
N ASP A 145 -9.59 -14.65 14.74
CA ASP A 145 -9.34 -14.43 16.15
C ASP A 145 -8.48 -13.19 16.37
N SER A 146 -9.04 -12.03 16.02
CA SER A 146 -8.33 -10.76 16.17
C SER A 146 -7.67 -10.58 17.53
N LYS A 147 -8.51 -10.43 18.56
CA LYS A 147 -8.04 -10.21 19.92
C LYS A 147 -7.15 -11.30 20.53
N GLY A 148 -6.82 -12.33 19.76
CA GLY A 148 -5.98 -13.39 20.28
C GLY A 148 -6.77 -14.47 20.99
N ASP A 149 -7.40 -14.13 22.10
CA ASP A 149 -8.21 -15.10 22.82
C ASP A 149 -9.37 -15.40 21.88
N GLN A 150 -10.27 -16.28 22.29
CA GLN A 150 -11.41 -16.62 21.45
C GLN A 150 -12.64 -15.81 21.81
N SER A 151 -12.40 -14.66 22.44
CA SER A 151 -13.47 -13.76 22.86
C SER A 151 -14.43 -13.43 21.71
N GLU A 152 -13.87 -13.00 20.59
CA GLU A 152 -14.69 -12.65 19.42
C GLU A 152 -15.65 -13.78 19.11
N HIS A 153 -15.07 -14.97 18.85
CA HIS A 153 -15.86 -16.15 18.52
C HIS A 153 -17.03 -16.30 19.49
N ARG A 154 -16.82 -15.85 20.72
CA ARG A 154 -17.86 -15.93 21.74
C ARG A 154 -19.06 -15.12 21.27
N LEU A 155 -18.91 -13.80 21.24
CA LEU A 155 -20.00 -12.92 20.81
C LEU A 155 -20.68 -13.50 19.57
N ALA A 156 -19.89 -13.80 18.55
CA ALA A 156 -20.41 -14.35 17.31
C ALA A 156 -21.40 -15.48 17.61
N LEU A 157 -20.87 -16.60 18.08
CA LEU A 157 -21.69 -17.77 18.44
C LEU A 157 -22.80 -17.33 19.38
N LYS A 158 -22.41 -16.68 20.47
CA LYS A 158 -23.36 -16.20 21.46
C LYS A 158 -24.56 -15.58 20.80
N ASN A 159 -24.31 -14.64 19.89
CA ASN A 159 -25.38 -13.95 19.19
C ASN A 159 -26.19 -14.87 18.27
N ILE A 160 -25.52 -15.78 17.56
CA ILE A 160 -26.20 -16.68 16.64
C ILE A 160 -27.25 -17.54 17.34
N ALA A 161 -26.88 -18.11 18.48
CA ALA A 161 -27.80 -18.95 19.25
C ALA A 161 -29.05 -18.16 19.59
N SER A 162 -28.88 -16.97 20.14
CA SER A 162 -30.00 -16.13 20.52
C SER A 162 -31.09 -16.10 19.44
N MET A 163 -30.68 -16.30 18.19
CA MET A 163 -31.62 -16.28 17.08
C MET A 163 -32.49 -17.54 17.00
N VAL A 164 -32.31 -18.42 17.98
CA VAL A 164 -33.05 -19.68 18.03
C VAL A 164 -34.07 -19.70 19.16
N ARG A 165 -35.35 -19.67 18.78
CA ARG A 165 -36.43 -19.69 19.76
C ARG A 165 -36.39 -20.99 20.54
N PRO A 166 -36.59 -20.93 21.87
CA PRO A 166 -36.58 -22.14 22.70
C PRO A 166 -37.22 -23.31 21.97
N GLY A 167 -36.49 -24.42 21.92
CA GLY A 167 -36.96 -25.60 21.21
C GLY A 167 -36.65 -25.40 19.74
N GLY A 168 -35.48 -24.82 19.47
CA GLY A 168 -35.10 -24.54 18.09
C GLY A 168 -33.71 -24.98 17.64
N LEU A 169 -33.64 -25.50 16.41
CA LEU A 169 -32.42 -25.98 15.80
C LEU A 169 -31.53 -24.90 15.21
N LEU A 170 -30.28 -25.29 14.96
CA LEU A 170 -29.26 -24.44 14.40
C LEU A 170 -28.31 -25.39 13.69
N VAL A 171 -27.73 -24.97 12.57
CA VAL A 171 -26.82 -25.83 11.83
C VAL A 171 -25.55 -25.10 11.39
N ILE A 172 -24.68 -24.86 12.37
CA ILE A 172 -23.42 -24.20 12.10
C ILE A 172 -22.56 -25.32 11.55
N ASP A 173 -21.45 -24.97 10.90
CA ASP A 173 -20.59 -26.02 10.35
C ASP A 173 -19.15 -25.59 10.16
N HIS A 174 -18.22 -26.54 10.22
CA HIS A 174 -16.81 -26.19 10.04
C HIS A 174 -15.96 -27.27 9.37
N LYS A 175 -14.97 -26.86 8.59
CA LYS A 175 -14.09 -27.80 7.92
C LYS A 175 -13.30 -28.60 8.95
N ASN A 176 -13.12 -29.89 8.68
CA ASN A 176 -12.38 -30.78 9.57
C ASN A 176 -10.93 -30.32 9.70
N TYR A 177 -10.69 -29.36 10.59
CA TYR A 177 -9.34 -28.82 10.75
C TYR A 177 -8.42 -29.74 11.54
N ASP A 178 -9.00 -30.65 12.30
CA ASP A 178 -8.21 -31.59 13.07
C ASP A 178 -7.33 -32.33 12.07
N TYR A 179 -7.98 -32.92 11.08
CA TYR A 179 -7.29 -33.66 10.03
C TYR A 179 -6.53 -32.72 9.10
N ILE A 180 -7.10 -31.56 8.82
CA ILE A 180 -6.46 -30.60 7.95
C ILE A 180 -5.12 -30.10 8.51
N LEU A 181 -5.06 -29.92 9.83
CA LEU A 181 -3.84 -29.43 10.47
C LEU A 181 -2.73 -30.49 10.51
N SER A 182 -3.08 -31.70 10.12
CA SER A 182 -2.11 -32.81 10.09
C SER A 182 -1.59 -32.98 8.66
N THR A 183 -2.41 -32.61 7.69
CA THR A 183 -2.04 -32.70 6.29
C THR A 183 -1.56 -31.32 5.81
N GLY A 184 -1.68 -30.33 6.70
CA GLY A 184 -1.25 -28.98 6.39
C GLY A 184 -1.64 -28.48 5.01
N CYS A 185 -2.71 -29.05 4.46
CA CYS A 185 -3.19 -28.64 3.14
C CYS A 185 -4.69 -28.84 3.04
N ALA A 186 -5.36 -27.92 2.35
CA ALA A 186 -6.80 -27.98 2.20
C ALA A 186 -7.25 -28.65 0.90
N PRO A 187 -7.87 -29.84 1.02
CA PRO A 187 -8.34 -30.59 -0.15
C PRO A 187 -9.56 -29.92 -0.81
N PRO A 188 -9.36 -29.32 -2.00
CA PRO A 188 -10.47 -28.66 -2.70
C PRO A 188 -11.25 -29.55 -3.66
N GLY A 189 -12.18 -28.92 -4.37
CA GLY A 189 -13.01 -29.62 -5.34
C GLY A 189 -14.39 -29.99 -4.82
N LYS A 190 -14.42 -30.98 -3.94
CA LYS A 190 -15.68 -31.47 -3.38
C LYS A 190 -16.03 -30.94 -1.99
N ASN A 191 -17.30 -30.58 -1.85
CA ASN A 191 -17.88 -30.07 -0.61
C ASN A 191 -19.30 -30.60 -0.61
N ILE A 192 -19.51 -31.68 0.14
CA ILE A 192 -20.81 -32.34 0.26
C ILE A 192 -21.99 -31.38 0.31
N TYR A 193 -21.71 -30.15 0.72
CA TYR A 193 -22.75 -29.13 0.82
C TYR A 193 -23.48 -28.92 -0.49
N TYR A 194 -22.74 -29.07 -1.59
CA TYR A 194 -23.30 -28.93 -2.93
C TYR A 194 -22.25 -29.39 -3.93
N LYS A 195 -22.53 -29.12 -5.21
CA LYS A 195 -21.60 -29.49 -6.26
C LYS A 195 -21.57 -28.38 -7.30
N SER A 196 -20.62 -27.47 -7.14
CA SER A 196 -20.46 -26.37 -8.07
C SER A 196 -19.86 -26.93 -9.34
N ASP A 197 -19.34 -26.05 -10.20
CA ASP A 197 -18.74 -26.49 -11.44
C ASP A 197 -17.54 -25.60 -11.77
N LEU A 198 -16.69 -25.37 -10.77
CA LEU A 198 -15.50 -24.54 -10.92
C LEU A 198 -14.26 -25.28 -10.44
N THR A 199 -13.37 -25.62 -11.37
CA THR A 199 -12.13 -26.31 -11.03
C THR A 199 -11.13 -25.35 -10.43
N LYS A 200 -10.65 -25.64 -9.22
CA LYS A 200 -9.72 -24.77 -8.55
C LYS A 200 -8.36 -25.36 -8.21
N ASP A 201 -7.40 -24.46 -8.03
CA ASP A 201 -6.04 -24.81 -7.67
C ASP A 201 -5.84 -24.07 -6.35
N ILE A 202 -5.35 -24.76 -5.32
CA ILE A 202 -5.18 -24.12 -4.02
C ILE A 202 -3.80 -24.20 -3.37
N THR A 203 -3.48 -23.19 -2.55
CA THR A 203 -2.21 -23.10 -1.84
C THR A 203 -2.49 -22.83 -0.37
N THR A 204 -2.43 -23.88 0.45
CA THR A 204 -2.69 -23.78 1.88
C THR A 204 -1.50 -23.32 2.71
N SER A 205 -1.60 -22.09 3.21
CA SER A 205 -0.54 -21.49 4.03
C SER A 205 -1.07 -21.32 5.44
N VAL A 206 -0.65 -22.20 6.35
CA VAL A 206 -1.09 -22.16 7.74
C VAL A 206 -0.21 -21.25 8.59
N LEU A 207 -0.74 -20.80 9.72
CA LEU A 207 -0.01 -19.94 10.63
C LEU A 207 -0.09 -20.48 12.06
N THR A 208 1.01 -20.32 12.80
CA THR A 208 1.07 -20.81 14.17
C THR A 208 1.62 -19.77 15.13
N VAL A 209 0.77 -19.22 15.98
CA VAL A 209 1.19 -18.23 16.94
C VAL A 209 1.45 -18.90 18.29
N ASN A 210 2.73 -18.91 18.69
CA ASN A 210 3.16 -19.51 19.94
C ASN A 210 2.66 -20.95 20.08
N ASN A 211 2.75 -21.67 18.95
CA ASN A 211 2.35 -23.07 18.84
C ASN A 211 0.87 -23.34 18.61
N LYS A 212 0.05 -22.29 18.67
CA LYS A 212 -1.38 -22.45 18.46
C LYS A 212 -1.80 -22.07 17.04
N ALA A 213 -2.33 -23.04 16.29
CA ALA A 213 -2.77 -22.80 14.91
C ALA A 213 -3.72 -21.62 14.91
N HIS A 214 -3.21 -20.46 14.52
CA HIS A 214 -4.00 -19.25 14.52
C HIS A 214 -4.86 -19.02 13.28
N MET A 215 -4.21 -18.94 12.13
CA MET A 215 -4.92 -18.68 10.87
C MET A 215 -4.61 -19.79 9.86
N VAL A 216 -5.27 -19.72 8.72
CA VAL A 216 -5.08 -20.67 7.64
C VAL A 216 -5.53 -19.99 6.35
N THR A 217 -4.60 -19.35 5.67
CA THR A 217 -4.88 -18.63 4.44
C THR A 217 -4.79 -19.51 3.20
N LEU A 218 -5.95 -19.77 2.61
CA LEU A 218 -6.04 -20.58 1.41
C LEU A 218 -6.07 -19.68 0.19
N ASP A 219 -5.23 -19.99 -0.80
CA ASP A 219 -5.18 -19.20 -2.02
C ASP A 219 -5.78 -20.00 -3.17
N TYR A 220 -6.90 -19.52 -3.69
CA TYR A 220 -7.56 -20.22 -4.81
C TYR A 220 -7.23 -19.58 -6.14
N THR A 221 -7.40 -20.38 -7.19
CA THR A 221 -7.19 -19.95 -8.57
C THR A 221 -8.24 -20.76 -9.33
N VAL A 222 -9.38 -20.12 -9.56
CA VAL A 222 -10.52 -20.73 -10.25
C VAL A 222 -10.40 -20.61 -11.77
N GLN A 223 -10.64 -21.73 -12.44
CA GLN A 223 -10.58 -21.77 -13.89
C GLN A 223 -11.88 -21.25 -14.47
N VAL A 224 -11.79 -20.26 -15.36
CA VAL A 224 -12.97 -19.66 -15.99
C VAL A 224 -13.24 -20.35 -17.33
N PRO A 225 -14.37 -21.09 -17.42
CA PRO A 225 -14.73 -21.80 -18.65
C PRO A 225 -14.49 -21.06 -19.96
N GLY A 226 -14.33 -19.74 -19.88
CA GLY A 226 -14.08 -18.97 -21.08
C GLY A 226 -13.27 -17.72 -20.80
N ALA A 227 -11.97 -17.78 -21.08
CA ALA A 227 -11.09 -16.65 -20.84
C ALA A 227 -9.80 -16.71 -21.64
N GLY A 228 -9.56 -17.82 -22.32
CA GLY A 228 -8.37 -17.97 -23.12
C GLY A 228 -8.48 -17.13 -24.40
N ARG A 229 -8.30 -17.78 -25.55
CA ARG A 229 -8.41 -17.09 -26.83
C ARG A 229 -9.38 -17.83 -27.74
N ASP A 230 -8.93 -18.96 -28.31
CA ASP A 230 -9.78 -19.76 -29.18
C ASP A 230 -10.54 -20.77 -28.34
N GLY A 231 -11.39 -20.26 -27.45
CA GLY A 231 -12.16 -21.12 -26.58
C GLY A 231 -11.41 -21.29 -25.27
N ALA A 232 -10.09 -21.19 -25.35
CA ALA A 232 -9.25 -21.33 -24.17
C ALA A 232 -9.97 -20.69 -22.99
N PRO A 233 -9.66 -21.14 -21.77
CA PRO A 233 -10.29 -20.59 -20.58
C PRO A 233 -9.36 -19.61 -19.84
N GLY A 234 -9.91 -18.95 -18.83
CA GLY A 234 -9.12 -18.02 -18.04
C GLY A 234 -8.73 -18.65 -16.72
N PHE A 235 -8.00 -17.90 -15.89
CA PHE A 235 -7.57 -18.42 -14.59
C PHE A 235 -7.47 -17.27 -13.58
N SER A 236 -8.60 -16.90 -12.99
CA SER A 236 -8.62 -15.81 -12.02
C SER A 236 -8.70 -16.34 -10.59
N LYS A 237 -7.82 -15.82 -9.74
CA LYS A 237 -7.73 -16.26 -8.35
C LYS A 237 -8.12 -15.24 -7.29
N PHE A 238 -8.03 -15.66 -6.03
CA PHE A 238 -8.36 -14.81 -4.87
C PHE A 238 -7.82 -15.49 -3.61
N ARG A 239 -8.07 -14.91 -2.44
CA ARG A 239 -7.58 -15.50 -1.20
C ARG A 239 -8.43 -15.29 0.05
N LEU A 240 -8.81 -16.40 0.69
CA LEU A 240 -9.61 -16.35 1.91
C LEU A 240 -8.90 -17.03 3.07
N SER A 241 -8.99 -16.42 4.25
CA SER A 241 -8.36 -17.00 5.43
C SER A 241 -9.42 -17.48 6.39
N TYR A 242 -9.11 -18.52 7.16
CA TYR A 242 -10.04 -19.09 8.12
C TYR A 242 -9.36 -19.34 9.45
N TYR A 243 -10.15 -19.75 10.44
CA TYR A 243 -9.63 -20.06 11.77
C TYR A 243 -9.78 -21.56 11.96
N PRO A 244 -8.65 -22.28 12.09
CA PRO A 244 -8.67 -23.74 12.26
C PRO A 244 -9.44 -24.21 13.49
N HIS A 245 -10.75 -24.38 13.33
CA HIS A 245 -11.61 -24.81 14.43
C HIS A 245 -11.59 -26.32 14.57
N CYS A 246 -10.94 -26.80 15.62
CA CYS A 246 -10.86 -28.23 15.88
C CYS A 246 -12.20 -28.67 16.44
N LEU A 247 -12.71 -29.83 16.00
CA LEU A 247 -14.00 -30.30 16.49
C LEU A 247 -14.11 -30.02 17.99
N ALA A 248 -13.07 -30.41 18.72
CA ALA A 248 -13.02 -30.21 20.17
C ALA A 248 -13.49 -28.81 20.57
N SER A 249 -12.61 -27.83 20.39
CA SER A 249 -12.90 -26.45 20.74
C SER A 249 -14.31 -25.94 20.38
N PHE A 250 -14.76 -26.24 19.17
CA PHE A 250 -16.07 -25.77 18.71
C PHE A 250 -17.28 -26.33 19.46
N THR A 251 -17.35 -27.64 19.61
CA THR A 251 -18.48 -28.25 20.31
C THR A 251 -18.68 -27.58 21.65
N GLU A 252 -17.58 -27.32 22.34
CA GLU A 252 -17.62 -26.67 23.64
C GLU A 252 -18.00 -25.20 23.47
N LEU A 253 -17.45 -24.58 22.42
CA LEU A 253 -17.74 -23.18 22.13
C LEU A 253 -19.22 -23.00 21.82
N VAL A 254 -19.72 -23.81 20.90
CA VAL A 254 -21.11 -23.77 20.46
C VAL A 254 -22.10 -23.94 21.61
N GLN A 255 -22.00 -25.05 22.34
CA GLN A 255 -22.91 -25.33 23.45
C GLN A 255 -22.87 -24.16 24.41
N GLU A 256 -21.66 -23.68 24.68
CA GLU A 256 -21.45 -22.55 25.57
C GLU A 256 -22.49 -21.47 25.27
N ALA A 257 -22.53 -21.04 24.02
CA ALA A 257 -23.44 -20.01 23.55
C ALA A 257 -24.89 -20.24 23.98
N PHE A 258 -25.29 -21.50 24.07
CA PHE A 258 -26.66 -21.81 24.45
C PHE A 258 -26.79 -21.79 25.97
N GLY A 259 -25.72 -21.37 26.63
CA GLY A 259 -25.76 -21.30 28.08
C GLY A 259 -25.90 -22.68 28.69
N GLY A 260 -26.27 -23.66 27.89
CA GLY A 260 -26.41 -25.00 28.43
C GLY A 260 -27.63 -25.77 27.97
N ARG A 261 -28.80 -25.19 28.16
CA ARG A 261 -30.03 -25.84 27.76
C ARG A 261 -30.04 -26.06 26.26
N CYS A 262 -29.63 -27.24 25.83
CA CYS A 262 -29.60 -27.55 24.41
C CYS A 262 -29.22 -28.99 24.12
N GLN A 263 -29.38 -29.38 22.86
CA GLN A 263 -29.05 -30.74 22.42
C GLN A 263 -28.01 -30.64 21.30
N HIS A 264 -26.86 -31.25 21.50
CA HIS A 264 -25.81 -31.20 20.49
C HIS A 264 -25.54 -32.52 19.81
N SER A 265 -25.39 -32.48 18.49
CA SER A 265 -25.11 -33.67 17.71
C SER A 265 -24.25 -33.27 16.51
N VAL A 266 -23.02 -33.80 16.46
CA VAL A 266 -22.12 -33.47 15.35
C VAL A 266 -21.95 -34.65 14.43
N LEU A 267 -22.46 -34.53 13.21
CA LEU A 267 -22.32 -35.61 12.26
C LEU A 267 -21.10 -35.33 11.42
N GLY A 268 -20.37 -36.38 11.05
CA GLY A 268 -19.23 -36.18 10.16
C GLY A 268 -20.01 -35.75 8.95
N ASP A 269 -19.38 -35.46 7.82
CA ASP A 269 -20.10 -35.01 6.62
C ASP A 269 -21.62 -34.90 6.87
N PHE A 270 -22.33 -36.01 6.98
CA PHE A 270 -23.75 -35.91 7.27
C PHE A 270 -24.35 -37.15 7.94
N LYS A 271 -23.51 -38.15 8.18
CA LYS A 271 -23.96 -39.35 8.86
C LYS A 271 -23.51 -39.19 10.30
N PRO A 272 -23.85 -40.13 11.19
CA PRO A 272 -23.41 -39.97 12.58
C PRO A 272 -21.89 -39.93 12.71
N TYR A 273 -21.40 -39.42 13.83
CA TYR A 273 -19.96 -39.33 14.05
C TYR A 273 -19.52 -39.60 15.49
N ARG A 274 -18.74 -40.65 15.68
CA ARG A 274 -18.22 -41.00 17.00
C ARG A 274 -16.70 -40.96 16.90
N PRO A 275 -16.03 -40.41 17.93
CA PRO A 275 -14.57 -40.28 17.99
C PRO A 275 -13.78 -41.46 17.44
N GLY A 276 -12.56 -41.17 17.00
CA GLY A 276 -11.68 -42.19 16.45
C GLY A 276 -12.32 -43.28 15.61
N GLN A 277 -12.92 -42.89 14.49
CA GLN A 277 -13.56 -43.87 13.61
C GLN A 277 -12.73 -44.17 12.38
N ALA A 278 -13.29 -45.00 11.50
CA ALA A 278 -12.60 -45.38 10.27
C ALA A 278 -12.78 -44.30 9.22
N TYR A 279 -13.99 -43.76 9.13
CA TYR A 279 -14.28 -42.73 8.15
C TYR A 279 -13.74 -41.36 8.55
N VAL A 280 -13.30 -40.61 7.56
CA VAL A 280 -12.75 -39.28 7.78
C VAL A 280 -13.67 -38.23 7.16
N PRO A 281 -14.16 -37.30 7.99
CA PRO A 281 -15.05 -36.25 7.48
C PRO A 281 -14.29 -35.02 7.04
N CYS A 282 -14.86 -34.31 6.07
CA CYS A 282 -14.26 -33.09 5.53
C CYS A 282 -14.97 -31.91 6.16
N TYR A 283 -16.20 -32.16 6.63
CA TYR A 283 -16.99 -31.12 7.25
C TYR A 283 -17.75 -31.71 8.43
N PHE A 284 -17.77 -30.96 9.53
CA PHE A 284 -18.48 -31.38 10.73
C PHE A 284 -19.70 -30.48 10.86
N ILE A 285 -20.87 -31.10 10.76
CA ILE A 285 -22.13 -30.37 10.86
C ILE A 285 -22.65 -30.44 12.29
N HIS A 286 -22.80 -29.27 12.91
CA HIS A 286 -23.30 -29.18 14.27
C HIS A 286 -24.76 -28.77 14.32
N VAL A 287 -25.59 -29.74 14.69
CA VAL A 287 -27.04 -29.56 14.80
C VAL A 287 -27.43 -29.39 16.26
N LEU A 288 -28.15 -28.31 16.55
CA LEU A 288 -28.57 -28.02 17.91
C LEU A 288 -30.05 -27.75 18.15
N LYS A 289 -30.51 -28.23 19.29
CA LYS A 289 -31.89 -28.03 19.70
C LYS A 289 -31.89 -27.24 21.01
N LYS A 290 -31.81 -25.92 20.89
CA LYS A 290 -31.85 -25.07 22.05
C LYS A 290 -33.09 -25.57 22.77
N THR A 291 -33.02 -25.67 24.10
CA THR A 291 -34.15 -26.16 24.89
C THR A 291 -34.50 -25.21 26.03
N GLY A 292 -33.66 -24.19 26.23
CA GLY A 292 -33.89 -23.22 27.27
C GLY A 292 -33.42 -21.82 26.89
N THR B 41 30.71 -12.15 24.21
CA THR B 41 31.06 -13.21 25.14
C THR B 41 32.50 -13.69 24.95
N ALA B 42 33.28 -13.66 26.03
CA ALA B 42 34.67 -14.10 25.99
C ALA B 42 34.79 -15.40 25.19
N GLU B 43 34.08 -16.43 25.63
CA GLU B 43 34.13 -17.72 24.94
C GLU B 43 34.06 -17.51 23.45
N TYR B 44 32.96 -16.91 22.98
CA TYR B 44 32.80 -16.66 21.56
C TYR B 44 34.09 -16.16 20.96
N LYS B 45 34.48 -14.95 21.32
CA LYS B 45 35.71 -14.35 20.82
C LYS B 45 36.80 -15.42 20.77
N ALA B 46 37.03 -16.06 21.91
CA ALA B 46 38.03 -17.11 22.01
C ALA B 46 37.85 -18.13 20.91
N TRP B 47 36.69 -18.78 20.91
CA TRP B 47 36.39 -19.80 19.91
C TRP B 47 36.81 -19.32 18.52
N LEU B 48 36.20 -18.24 18.06
CA LEU B 48 36.49 -17.70 16.75
C LEU B 48 38.00 -17.69 16.49
N LEU B 49 38.68 -16.68 16.99
CA LEU B 49 40.13 -16.54 16.83
C LEU B 49 40.84 -17.90 16.78
N GLY B 50 40.84 -18.59 17.92
CA GLY B 50 41.47 -19.89 18.01
C GLY B 50 41.27 -20.77 16.79
N LEU B 51 40.15 -20.60 16.11
CA LEU B 51 39.85 -21.39 14.92
C LEU B 51 40.54 -20.75 13.72
N LEU B 52 40.38 -19.44 13.58
CA LEU B 52 41.00 -18.71 12.49
C LEU B 52 42.49 -19.02 12.51
N ARG B 53 43.07 -19.00 13.70
CA ARG B 53 44.50 -19.26 13.87
C ARG B 53 44.85 -20.75 13.84
N GLN B 54 43.92 -21.60 14.25
CA GLN B 54 44.17 -23.04 14.26
C GLN B 54 44.18 -23.62 12.85
N HIS B 55 43.95 -22.78 11.84
CA HIS B 55 43.94 -23.22 10.47
C HIS B 55 45.01 -22.51 9.66
N GLY B 56 45.32 -21.29 10.06
CA GLY B 56 46.32 -20.51 9.35
C GLY B 56 45.65 -19.40 8.57
N CYS B 57 44.35 -19.23 8.84
CA CYS B 57 43.54 -18.22 8.18
C CYS B 57 43.87 -16.85 8.75
N HIS B 58 44.21 -15.92 7.86
CA HIS B 58 44.56 -14.57 8.28
C HIS B 58 43.81 -13.54 7.45
N ARG B 59 43.60 -13.87 6.18
CA ARG B 59 42.85 -12.99 5.29
C ARG B 59 41.41 -13.46 5.43
N VAL B 60 40.53 -12.55 5.83
CA VAL B 60 39.13 -12.90 6.02
C VAL B 60 38.14 -11.97 5.36
N LEU B 61 37.05 -12.55 4.88
CA LEU B 61 35.98 -11.78 4.24
C LEU B 61 34.73 -11.99 5.09
N ASP B 62 34.14 -10.90 5.57
CA ASP B 62 32.93 -11.00 6.36
C ASP B 62 31.75 -10.76 5.44
N VAL B 63 30.83 -11.71 5.35
CA VAL B 63 29.68 -11.49 4.47
C VAL B 63 28.44 -11.01 5.19
N ALA B 64 28.62 -10.34 6.32
CA ALA B 64 27.50 -9.84 7.11
C ALA B 64 28.04 -8.82 8.10
N CYS B 65 28.98 -8.02 7.63
CA CYS B 65 29.61 -7.00 8.45
C CYS B 65 28.66 -6.30 9.41
N GLY B 66 27.39 -6.20 9.06
CA GLY B 66 26.43 -5.55 9.94
C GLY B 66 26.93 -4.26 10.57
N THR B 67 27.16 -4.29 11.89
CA THR B 67 27.65 -3.13 12.62
C THR B 67 29.18 -3.15 12.68
N GLY B 68 29.77 -4.27 12.28
CA GLY B 68 31.22 -4.41 12.28
C GLY B 68 31.73 -5.07 13.54
N VAL B 69 30.81 -5.40 14.44
CA VAL B 69 31.17 -6.02 15.72
C VAL B 69 32.34 -7.01 15.67
N ASP B 70 32.15 -8.13 14.97
CA ASP B 70 33.20 -9.15 14.89
C ASP B 70 34.34 -8.79 13.96
N SER B 71 34.03 -8.12 12.86
CA SER B 71 35.07 -7.72 11.94
C SER B 71 36.04 -6.84 12.72
N ILE B 72 35.51 -5.79 13.35
CA ILE B 72 36.31 -4.86 14.14
C ILE B 72 37.26 -5.60 15.07
N MET B 73 36.75 -6.62 15.74
CA MET B 73 37.55 -7.43 16.65
C MET B 73 38.69 -8.07 15.86
N LEU B 74 38.32 -8.85 14.85
CA LEU B 74 39.30 -9.52 14.01
C LEU B 74 40.36 -8.55 13.53
N VAL B 75 39.95 -7.32 13.23
CA VAL B 75 40.86 -6.28 12.76
C VAL B 75 41.87 -5.91 13.85
N GLU B 76 41.48 -6.16 15.09
CA GLU B 76 42.34 -5.86 16.23
C GLU B 76 43.36 -6.97 16.43
N GLU B 77 42.88 -8.21 16.50
CA GLU B 77 43.76 -9.36 16.70
C GLU B 77 44.76 -9.51 15.57
N GLY B 78 44.83 -8.52 14.68
CA GLY B 78 45.77 -8.55 13.59
C GLY B 78 45.42 -9.32 12.33
N PHE B 79 44.17 -9.24 11.90
CA PHE B 79 43.72 -9.94 10.70
C PHE B 79 43.51 -8.99 9.55
N SER B 80 43.63 -9.49 8.33
CA SER B 80 43.40 -8.68 7.14
C SER B 80 41.92 -8.83 6.83
N VAL B 81 41.10 -8.01 7.46
CA VAL B 81 39.66 -8.11 7.28
C VAL B 81 39.00 -7.15 6.30
N THR B 82 38.29 -7.74 5.35
CA THR B 82 37.54 -6.98 4.35
C THR B 82 36.10 -7.37 4.63
N SER B 83 35.38 -6.45 5.26
CA SER B 83 33.99 -6.68 5.63
C SER B 83 33.00 -6.03 4.69
N VAL B 84 31.89 -6.75 4.44
CA VAL B 84 30.82 -6.30 3.55
C VAL B 84 29.42 -6.67 4.08
N ASP B 85 28.45 -5.84 3.67
CA ASP B 85 27.03 -6.03 4.03
C ASP B 85 26.18 -5.34 2.96
N ALA B 86 24.93 -5.76 2.81
CA ALA B 86 24.05 -5.16 1.83
C ALA B 86 23.27 -3.96 2.36
N SER B 87 23.19 -3.83 3.68
CA SER B 87 22.45 -2.74 4.30
C SER B 87 23.31 -1.61 4.85
N ASP B 88 23.26 -0.46 4.18
CA ASP B 88 24.01 0.71 4.61
C ASP B 88 23.65 1.04 6.05
N LYS B 89 22.36 1.16 6.33
CA LYS B 89 21.86 1.47 7.67
C LYS B 89 22.81 0.89 8.72
N MET B 90 23.22 -0.36 8.51
CA MET B 90 24.13 -1.01 9.42
C MET B 90 25.56 -0.61 9.06
N LEU B 91 25.96 -0.93 7.84
CA LEU B 91 27.31 -0.62 7.37
C LEU B 91 27.78 0.77 7.80
N LYS B 92 26.94 1.77 7.57
CA LYS B 92 27.27 3.14 7.93
C LYS B 92 27.87 3.21 9.33
N TYR B 93 27.30 2.45 10.26
CA TYR B 93 27.78 2.44 11.63
C TYR B 93 29.17 1.84 11.71
N ALA B 94 29.37 0.69 11.06
CA ALA B 94 30.69 0.05 11.07
C ALA B 94 31.66 1.08 10.55
N LEU B 95 31.32 1.65 9.40
CA LEU B 95 32.13 2.67 8.77
C LEU B 95 32.45 3.77 9.77
N LYS B 96 31.53 4.03 10.69
CA LYS B 96 31.72 5.05 11.70
C LYS B 96 32.98 4.75 12.53
N GLU B 97 32.88 3.72 13.35
CA GLU B 97 33.99 3.29 14.21
C GLU B 97 35.34 3.44 13.53
N ARG B 98 35.41 2.96 12.29
CA ARG B 98 36.66 3.03 11.52
C ARG B 98 37.22 4.44 11.45
N TRP B 99 36.47 5.36 10.86
CA TRP B 99 36.91 6.74 10.73
C TRP B 99 37.54 7.24 12.03
N ASN B 100 36.84 6.99 13.13
CA ASN B 100 37.33 7.39 14.45
C ASN B 100 38.62 6.63 14.70
N ARG B 101 38.52 5.31 14.76
CA ARG B 101 39.70 4.47 14.98
C ARG B 101 40.55 4.49 13.73
N ARG B 102 40.48 5.59 12.99
CA ARG B 102 41.25 5.74 11.76
C ARG B 102 42.70 6.07 12.05
N LYS B 103 42.94 6.53 13.27
CA LYS B 103 44.28 6.87 13.72
C LYS B 103 44.93 5.62 14.31
N GLU B 104 44.84 4.52 13.56
CA GLU B 104 45.41 3.24 13.96
C GLU B 104 45.59 2.37 12.71
N PRO B 105 46.85 2.09 12.35
CA PRO B 105 47.16 1.27 11.17
C PRO B 105 46.18 0.12 10.99
N ALA B 106 45.88 -0.58 12.07
CA ALA B 106 44.95 -1.70 12.01
C ALA B 106 43.65 -1.31 11.33
N PHE B 107 43.02 -0.24 11.81
CA PHE B 107 41.75 0.22 11.26
C PHE B 107 41.84 0.92 9.91
N ASP B 108 43.04 1.33 9.50
CA ASP B 108 43.19 1.96 8.19
C ASP B 108 43.28 0.84 7.16
N LYS B 109 43.58 -0.36 7.64
CA LYS B 109 43.69 -1.54 6.78
C LYS B 109 42.45 -2.41 7.01
N TRP B 110 41.28 -1.82 6.80
CA TRP B 110 40.03 -2.54 6.99
C TRP B 110 39.09 -2.13 5.88
N VAL B 111 38.36 -3.08 5.31
CA VAL B 111 37.45 -2.72 4.24
C VAL B 111 35.99 -2.89 4.69
N ILE B 112 35.08 -2.30 3.91
CA ILE B 112 33.66 -2.31 4.19
C ILE B 112 32.93 -1.95 2.91
N GLU B 113 32.52 -2.96 2.15
CA GLU B 113 31.80 -2.73 0.90
C GLU B 113 30.43 -3.36 0.98
N GLU B 114 29.46 -2.74 0.32
CA GLU B 114 28.12 -3.29 0.30
C GLU B 114 28.16 -4.49 -0.64
N ALA B 115 27.22 -5.41 -0.48
CA ALA B 115 27.18 -6.58 -1.32
C ALA B 115 26.02 -7.45 -0.89
N ASN B 116 25.64 -8.36 -1.77
CA ASN B 116 24.55 -9.30 -1.52
C ASN B 116 25.01 -10.69 -1.94
N TRP B 117 24.77 -11.67 -1.08
CA TRP B 117 25.17 -13.03 -1.37
C TRP B 117 24.58 -13.45 -2.71
N LEU B 118 23.55 -12.74 -3.16
CA LEU B 118 22.89 -13.05 -4.43
C LEU B 118 23.79 -12.71 -5.63
N THR B 119 24.90 -12.04 -5.36
CA THR B 119 25.84 -11.66 -6.41
C THR B 119 27.22 -11.40 -5.81
N LEU B 120 27.46 -11.99 -4.65
CA LEU B 120 28.73 -11.80 -3.97
C LEU B 120 29.94 -11.72 -4.91
N ASP B 121 29.97 -12.55 -5.95
CA ASP B 121 31.10 -12.49 -6.87
C ASP B 121 31.18 -11.13 -7.55
N LYS B 122 30.10 -10.76 -8.23
CA LYS B 122 30.02 -9.47 -8.92
C LYS B 122 30.42 -8.29 -8.03
N ASP B 123 30.12 -8.40 -6.75
CA ASP B 123 30.42 -7.32 -5.81
C ASP B 123 31.75 -7.45 -5.08
N VAL B 124 32.26 -8.66 -4.94
CA VAL B 124 33.51 -8.86 -4.23
C VAL B 124 34.54 -9.59 -5.06
N PRO B 125 35.70 -8.94 -5.29
CA PRO B 125 36.78 -9.54 -6.08
C PRO B 125 37.45 -10.61 -5.22
N ALA B 126 37.11 -11.86 -5.46
CA ALA B 126 37.65 -12.98 -4.70
C ALA B 126 39.16 -13.10 -4.77
N GLY B 127 39.74 -12.78 -5.92
CA GLY B 127 41.17 -12.90 -6.07
C GLY B 127 41.49 -14.37 -6.15
N ASP B 128 42.22 -14.89 -5.18
CA ASP B 128 42.54 -16.31 -5.18
C ASP B 128 41.70 -17.03 -4.15
N GLY B 129 41.12 -16.27 -3.23
CA GLY B 129 40.28 -16.86 -2.21
C GLY B 129 40.71 -16.52 -0.80
N PHE B 130 39.91 -15.71 -0.11
CA PHE B 130 40.20 -15.33 1.26
C PHE B 130 40.51 -16.60 2.05
N ASP B 131 41.30 -16.47 3.11
CA ASP B 131 41.64 -17.62 3.93
C ASP B 131 40.35 -18.18 4.55
N ALA B 132 39.64 -17.31 5.24
CA ALA B 132 38.40 -17.68 5.89
C ALA B 132 37.28 -16.69 5.57
N VAL B 133 36.09 -17.24 5.35
CA VAL B 133 34.90 -16.43 5.05
C VAL B 133 33.99 -16.63 6.25
N ILE B 134 33.74 -15.58 7.03
CA ILE B 134 32.87 -15.78 8.19
C ILE B 134 31.51 -15.09 8.08
N CYS B 135 30.49 -15.84 8.46
CA CYS B 135 29.10 -15.41 8.44
C CYS B 135 28.35 -15.95 9.69
N LEU B 136 28.90 -15.62 10.85
CA LEU B 136 28.34 -16.01 12.16
C LEU B 136 27.28 -14.99 12.57
N GLY B 137 26.43 -15.38 13.52
CA GLY B 137 25.36 -14.51 13.98
C GLY B 137 24.03 -14.78 13.29
N ASN B 138 23.82 -16.05 12.90
CA ASN B 138 22.60 -16.47 12.23
C ASN B 138 22.21 -15.52 11.11
N SER B 139 23.21 -14.83 10.55
CA SER B 139 22.98 -13.88 9.47
C SER B 139 22.23 -14.48 8.27
N PHE B 140 22.59 -15.70 7.90
CA PHE B 140 21.98 -16.38 6.76
C PHE B 140 20.48 -16.65 6.90
N ALA B 141 19.98 -16.66 8.13
CA ALA B 141 18.56 -16.92 8.37
C ALA B 141 17.71 -15.70 7.99
N HIS B 142 18.36 -14.68 7.43
CA HIS B 142 17.67 -13.46 7.01
C HIS B 142 17.24 -13.55 5.55
N LEU B 143 17.88 -14.45 4.81
CA LEU B 143 17.57 -14.63 3.40
C LEU B 143 16.25 -15.37 3.25
N PRO B 144 15.16 -14.64 2.99
CA PRO B 144 13.85 -15.25 2.81
C PRO B 144 13.76 -15.92 1.46
N ASP B 145 13.22 -17.13 1.42
CA ASP B 145 13.06 -17.86 0.17
C ASP B 145 11.89 -17.25 -0.61
N SER B 146 12.20 -16.25 -1.43
CA SER B 146 11.19 -15.56 -2.22
C SER B 146 10.48 -16.43 -3.27
N LYS B 147 11.28 -17.10 -4.10
CA LYS B 147 10.74 -17.92 -5.18
C LYS B 147 10.07 -19.24 -4.78
N GLY B 148 10.01 -19.55 -3.49
CA GLY B 148 9.40 -20.79 -3.10
C GLY B 148 10.42 -21.91 -3.18
N ASP B 149 11.16 -21.95 -4.28
CA ASP B 149 12.21 -22.95 -4.46
C ASP B 149 13.39 -22.39 -3.70
N GLN B 150 14.13 -23.25 -2.99
CA GLN B 150 15.27 -22.76 -2.23
C GLN B 150 16.37 -22.33 -3.17
N SER B 151 15.96 -21.84 -4.33
CA SER B 151 16.88 -21.37 -5.34
C SER B 151 17.69 -20.23 -4.76
N GLU B 152 17.02 -19.42 -3.96
CA GLU B 152 17.66 -18.26 -3.34
C GLU B 152 18.80 -18.65 -2.41
N HIS B 153 18.59 -19.71 -1.63
CA HIS B 153 19.60 -20.20 -0.69
C HIS B 153 20.82 -20.86 -1.32
N ARG B 154 20.62 -21.65 -2.37
CA ARG B 154 21.75 -22.29 -3.03
C ARG B 154 22.64 -21.17 -3.57
N LEU B 155 22.06 -20.33 -4.41
CA LEU B 155 22.78 -19.21 -5.02
C LEU B 155 23.58 -18.42 -3.99
N ALA B 156 22.91 -17.96 -2.94
CA ALA B 156 23.57 -17.19 -1.90
C ALA B 156 24.83 -17.90 -1.45
N LEU B 157 24.68 -19.11 -0.93
CA LEU B 157 25.81 -19.89 -0.46
C LEU B 157 26.85 -20.08 -1.56
N LYS B 158 26.39 -20.46 -2.75
CA LYS B 158 27.30 -20.66 -3.86
C LYS B 158 28.31 -19.52 -3.90
N ASN B 159 27.82 -18.30 -4.03
CA ASN B 159 28.67 -17.12 -4.08
C ASN B 159 29.50 -16.93 -2.82
N ILE B 160 28.86 -17.08 -1.66
CA ILE B 160 29.56 -16.91 -0.39
C ILE B 160 30.77 -17.83 -0.33
N ALA B 161 30.51 -19.12 -0.34
CA ALA B 161 31.56 -20.13 -0.26
C ALA B 161 32.65 -19.94 -1.32
N SER B 162 32.23 -19.66 -2.56
CA SER B 162 33.18 -19.47 -3.65
C SER B 162 34.39 -18.64 -3.24
N MET B 163 34.14 -17.53 -2.56
CA MET B 163 35.21 -16.64 -2.13
C MET B 163 36.26 -17.30 -1.24
N VAL B 164 35.96 -18.48 -0.69
CA VAL B 164 36.94 -19.16 0.16
C VAL B 164 37.98 -19.87 -0.71
N ARG B 165 39.24 -19.71 -0.36
CA ARG B 165 40.34 -20.31 -1.10
C ARG B 165 40.61 -21.75 -0.67
N PRO B 166 41.27 -22.54 -1.53
CA PRO B 166 41.57 -23.94 -1.22
C PRO B 166 42.10 -24.06 0.20
N GLY B 167 41.80 -25.16 0.86
CA GLY B 167 42.21 -25.34 2.24
C GLY B 167 41.54 -24.25 3.07
N GLY B 168 40.53 -23.62 2.49
CA GLY B 168 39.82 -22.53 3.16
C GLY B 168 38.76 -22.92 4.16
N LEU B 169 38.09 -21.93 4.74
CA LEU B 169 37.06 -22.15 5.74
C LEU B 169 35.85 -21.25 5.53
N LEU B 170 34.77 -21.60 6.23
CA LEU B 170 33.52 -20.84 6.20
C LEU B 170 32.81 -21.05 7.53
N VAL B 171 32.68 -19.98 8.30
CA VAL B 171 32.01 -20.05 9.59
C VAL B 171 30.59 -19.50 9.49
N ILE B 172 29.72 -20.29 8.85
CA ILE B 172 28.32 -19.92 8.67
C ILE B 172 27.55 -20.49 9.84
N ASP B 173 26.76 -19.66 10.50
CA ASP B 173 25.99 -20.14 11.64
C ASP B 173 24.51 -19.79 11.54
N HIS B 174 23.68 -20.64 12.15
CA HIS B 174 22.23 -20.44 12.15
C HIS B 174 21.65 -20.95 13.46
N LYS B 175 20.57 -20.31 13.91
CA LYS B 175 19.92 -20.72 15.16
C LYS B 175 19.32 -22.13 15.01
N ASN B 176 19.05 -22.76 16.15
CA ASN B 176 18.50 -24.11 16.15
C ASN B 176 16.98 -24.10 15.97
N TYR B 177 16.53 -23.98 14.72
CA TYR B 177 15.11 -23.94 14.41
C TYR B 177 14.47 -25.32 14.49
N ASP B 178 15.29 -26.36 14.33
CA ASP B 178 14.78 -27.72 14.41
C ASP B 178 13.94 -27.72 15.71
N TYR B 179 14.56 -27.24 16.78
CA TYR B 179 13.91 -27.17 18.08
C TYR B 179 12.82 -26.09 18.09
N ILE B 180 13.21 -24.86 17.79
CA ILE B 180 12.26 -23.74 17.75
C ILE B 180 10.96 -24.18 17.09
N LEU B 181 11.08 -24.98 16.03
CA LEU B 181 9.91 -25.48 15.34
C LEU B 181 9.17 -26.43 16.25
N SER B 182 9.89 -27.45 16.73
CA SER B 182 9.30 -28.45 17.60
C SER B 182 8.79 -27.88 18.91
N THR B 183 9.29 -26.70 19.30
CA THR B 183 8.86 -26.08 20.56
C THR B 183 7.57 -25.28 20.37
N GLY B 184 7.50 -24.52 19.29
CA GLY B 184 6.32 -23.71 19.02
C GLY B 184 6.61 -22.23 19.20
N CYS B 185 7.69 -21.95 19.92
CA CYS B 185 8.09 -20.58 20.19
C CYS B 185 9.62 -20.46 20.13
N ALA B 186 10.13 -19.25 20.32
CA ALA B 186 11.56 -19.01 20.29
C ALA B 186 12.06 -18.63 21.68
N PRO B 187 12.98 -19.44 22.24
CA PRO B 187 13.51 -19.14 23.58
C PRO B 187 14.61 -18.10 23.54
N PRO B 188 14.30 -16.85 23.90
CA PRO B 188 15.31 -15.80 23.89
C PRO B 188 16.19 -15.88 25.12
N GLY B 189 16.98 -14.84 25.34
CA GLY B 189 17.85 -14.78 26.51
C GLY B 189 19.28 -15.23 26.29
N LYS B 190 19.51 -16.54 26.33
CA LYS B 190 20.84 -17.10 26.17
C LYS B 190 21.54 -16.86 24.84
N ASN B 191 22.16 -15.70 24.70
CA ASN B 191 22.90 -15.36 23.50
C ASN B 191 24.34 -15.81 23.71
N ILE B 192 24.60 -17.09 23.43
CA ILE B 192 25.94 -17.65 23.59
C ILE B 192 26.98 -16.85 22.82
N TYR B 193 26.50 -15.86 22.08
CA TYR B 193 27.37 -15.00 21.28
C TYR B 193 27.62 -13.68 22.01
N TYR B 194 26.68 -13.30 22.86
CA TYR B 194 26.80 -12.05 23.63
C TYR B 194 25.92 -12.08 24.87
N LYS B 195 26.44 -11.57 25.98
CA LYS B 195 25.74 -11.53 27.26
C LYS B 195 24.75 -10.37 27.34
N SER B 196 23.69 -10.45 26.55
CA SER B 196 22.68 -9.40 26.53
C SER B 196 22.35 -8.91 27.94
N ASP B 197 22.35 -7.60 28.10
CA ASP B 197 22.04 -6.99 29.40
C ASP B 197 20.62 -6.43 29.38
N LEU B 198 20.03 -6.36 28.18
CA LEU B 198 18.67 -5.86 28.02
C LEU B 198 17.66 -6.98 27.89
N THR B 199 16.50 -6.79 28.50
CA THR B 199 15.45 -7.80 28.47
C THR B 199 14.26 -7.41 27.60
N LYS B 200 13.73 -8.40 26.89
CA LYS B 200 12.59 -8.19 26.02
C LYS B 200 11.78 -9.47 25.90
N ASP B 201 10.46 -9.32 25.84
CA ASP B 201 9.56 -10.47 25.74
C ASP B 201 9.30 -10.85 24.28
N ILE B 202 9.70 -12.07 23.90
CA ILE B 202 9.51 -12.53 22.52
C ILE B 202 8.18 -13.21 22.25
N THR B 203 7.65 -12.97 21.06
CA THR B 203 6.39 -13.56 20.63
C THR B 203 6.65 -14.22 19.28
N THR B 204 6.78 -15.55 19.30
CA THR B 204 7.07 -16.33 18.10
C THR B 204 5.87 -16.68 17.23
N SER B 205 5.96 -16.34 15.95
CA SER B 205 4.90 -16.62 14.98
C SER B 205 5.48 -17.34 13.76
N VAL B 206 5.33 -18.66 13.72
CA VAL B 206 5.83 -19.46 12.60
C VAL B 206 4.76 -19.52 11.51
N LEU B 207 5.18 -19.68 10.25
CA LEU B 207 4.22 -19.73 9.15
C LEU B 207 4.49 -20.86 8.17
N THR B 208 3.73 -21.93 8.30
CA THR B 208 3.84 -23.10 7.44
C THR B 208 3.32 -22.73 6.07
N VAL B 209 3.97 -23.24 5.04
CA VAL B 209 3.58 -22.98 3.66
C VAL B 209 3.57 -24.32 2.93
N ASN B 210 2.37 -24.83 2.65
CA ASN B 210 2.23 -26.12 1.98
C ASN B 210 2.93 -27.21 2.79
N ASN B 211 2.85 -27.04 4.13
CA ASN B 211 3.43 -27.98 5.08
C ASN B 211 4.92 -27.80 5.40
N LYS B 212 5.59 -26.88 4.71
CA LYS B 212 7.01 -26.64 4.96
C LYS B 212 7.23 -25.28 5.62
N ALA B 213 7.92 -25.28 6.75
CA ALA B 213 8.21 -24.03 7.46
C ALA B 213 8.71 -23.02 6.44
N HIS B 214 8.03 -21.88 6.33
CA HIS B 214 8.44 -20.86 5.38
C HIS B 214 9.05 -19.65 6.07
N MET B 215 8.90 -19.57 7.38
CA MET B 215 9.46 -18.43 8.10
C MET B 215 9.10 -18.39 9.58
N VAL B 216 9.97 -17.75 10.36
CA VAL B 216 9.79 -17.59 11.79
C VAL B 216 9.89 -16.10 12.09
N THR B 217 8.82 -15.52 12.60
CA THR B 217 8.81 -14.10 12.91
C THR B 217 8.85 -13.82 14.42
N LEU B 218 9.96 -13.22 14.86
CA LEU B 218 10.16 -12.90 16.26
C LEU B 218 9.67 -11.49 16.56
N ASP B 219 8.75 -11.39 17.53
CA ASP B 219 8.20 -10.10 17.92
C ASP B 219 8.78 -9.71 19.27
N TYR B 220 9.80 -8.86 19.24
CA TYR B 220 10.47 -8.41 20.46
C TYR B 220 9.75 -7.24 21.11
N THR B 221 9.39 -7.41 22.38
CA THR B 221 8.72 -6.37 23.14
C THR B 221 9.74 -5.91 24.18
N VAL B 222 10.66 -5.04 23.74
CA VAL B 222 11.72 -4.51 24.60
C VAL B 222 11.20 -3.73 25.80
N GLN B 223 11.83 -3.95 26.94
CA GLN B 223 11.45 -3.27 28.17
C GLN B 223 12.56 -2.31 28.61
N VAL B 224 12.69 -1.19 27.91
CA VAL B 224 13.71 -0.20 28.25
C VAL B 224 13.65 0.18 29.73
N PRO B 225 14.81 0.19 30.39
CA PRO B 225 14.94 0.53 31.83
C PRO B 225 14.03 1.66 32.35
N GLY B 226 14.38 2.90 32.05
CA GLY B 226 13.57 4.03 32.52
C GLY B 226 12.88 4.81 31.41
N ALA B 227 11.55 4.77 31.40
CA ALA B 227 10.78 5.48 30.39
C ALA B 227 9.32 5.66 30.81
N GLY B 228 9.10 5.88 32.11
CA GLY B 228 7.76 6.06 32.62
C GLY B 228 7.52 7.33 33.42
N ARG B 229 7.23 7.17 34.71
CA ARG B 229 6.99 8.32 35.58
C ARG B 229 8.02 8.44 36.69
N ASP B 230 7.76 7.78 37.82
CA ASP B 230 8.68 7.83 38.95
C ASP B 230 9.89 6.92 38.76
N GLY B 231 10.33 6.78 37.51
CA GLY B 231 11.50 5.96 37.21
C GLY B 231 11.19 4.73 36.38
N ALA B 232 9.95 4.27 36.46
CA ALA B 232 9.54 3.09 35.73
C ALA B 232 10.00 3.08 34.28
N PRO B 233 10.17 1.87 33.71
CA PRO B 233 10.61 1.61 32.33
C PRO B 233 9.59 1.98 31.23
N GLY B 234 10.06 1.97 29.99
CA GLY B 234 9.21 2.25 28.85
C GLY B 234 9.14 0.97 28.05
N PHE B 235 8.07 0.77 27.27
CA PHE B 235 7.93 -0.45 26.50
C PHE B 235 7.99 -0.26 25.00
N SER B 236 9.19 -0.44 24.43
CA SER B 236 9.37 -0.28 22.99
C SER B 236 9.76 -1.59 22.33
N LYS B 237 9.02 -1.96 21.28
CA LYS B 237 9.26 -3.21 20.58
C LYS B 237 9.65 -3.05 19.10
N PHE B 238 10.09 -4.15 18.52
CA PHE B 238 10.51 -4.24 17.13
C PHE B 238 10.53 -5.72 16.79
N ARG B 239 10.29 -6.07 15.53
CA ARG B 239 10.27 -7.46 15.11
C ARG B 239 11.05 -7.72 13.84
N LEU B 240 11.40 -8.98 13.62
CA LEU B 240 12.14 -9.37 12.42
C LEU B 240 11.81 -10.81 12.13
N SER B 241 11.88 -11.19 10.86
CA SER B 241 11.60 -12.55 10.45
C SER B 241 12.84 -13.17 9.85
N TYR B 242 12.90 -14.50 9.86
CA TYR B 242 14.01 -15.24 9.29
C TYR B 242 13.46 -16.53 8.71
N TYR B 243 14.36 -17.41 8.27
CA TYR B 243 13.94 -18.69 7.71
C TYR B 243 14.26 -19.78 8.74
N PRO B 244 13.28 -20.65 9.03
CA PRO B 244 13.49 -21.72 10.01
C PRO B 244 14.38 -22.87 9.51
N HIS B 245 15.61 -22.56 9.12
CA HIS B 245 16.51 -23.59 8.64
C HIS B 245 16.68 -24.65 9.73
N CYS B 246 16.76 -25.91 9.33
CA CYS B 246 16.95 -27.02 10.25
C CYS B 246 18.28 -27.69 9.88
N LEU B 247 19.08 -28.03 10.87
CA LEU B 247 20.38 -28.65 10.65
C LEU B 247 20.40 -29.48 9.37
N ALA B 248 19.65 -30.57 9.37
CA ALA B 248 19.56 -31.46 8.23
C ALA B 248 19.69 -30.73 6.90
N SER B 249 18.71 -29.90 6.59
CA SER B 249 18.68 -29.15 5.35
C SER B 249 19.90 -28.25 5.13
N PHE B 250 20.28 -27.48 6.15
CA PHE B 250 21.43 -26.60 6.02
C PHE B 250 22.71 -27.36 5.73
N THR B 251 22.91 -28.46 6.44
CA THR B 251 24.10 -29.29 6.24
C THR B 251 24.25 -29.59 4.76
N GLU B 252 23.21 -30.18 4.17
CA GLU B 252 23.21 -30.53 2.75
C GLU B 252 23.33 -29.27 1.90
N LEU B 253 22.65 -28.22 2.32
CA LEU B 253 22.68 -26.96 1.60
C LEU B 253 24.11 -26.45 1.48
N VAL B 254 24.84 -26.48 2.59
CA VAL B 254 26.21 -25.99 2.64
C VAL B 254 27.18 -26.74 1.72
N GLN B 255 27.23 -28.06 1.85
CA GLN B 255 28.13 -28.86 1.02
C GLN B 255 27.83 -28.60 -0.44
N GLU B 256 26.55 -28.63 -0.79
CA GLU B 256 26.11 -28.39 -2.16
C GLU B 256 26.83 -27.18 -2.76
N ALA B 257 27.13 -26.21 -1.91
CA ALA B 257 27.81 -24.98 -2.33
C ALA B 257 29.24 -25.23 -2.78
N PHE B 258 30.02 -25.86 -1.90
CA PHE B 258 31.41 -26.17 -2.19
C PHE B 258 31.55 -27.21 -3.29
N GLY B 259 30.48 -27.41 -4.05
CA GLY B 259 30.51 -28.40 -5.11
C GLY B 259 30.82 -29.77 -4.57
N GLY B 260 31.03 -29.86 -3.26
CA GLY B 260 31.35 -31.14 -2.65
C GLY B 260 32.78 -31.20 -2.14
N ARG B 261 33.68 -30.52 -2.84
CA ARG B 261 35.08 -30.50 -2.44
C ARG B 261 35.21 -29.71 -1.15
N CYS B 262 34.97 -30.35 -0.02
CA CYS B 262 35.04 -29.65 1.26
C CYS B 262 34.98 -30.59 2.45
N GLN B 263 35.32 -30.06 3.62
CA GLN B 263 35.28 -30.81 4.87
C GLN B 263 34.25 -30.15 5.78
N HIS B 264 33.18 -30.88 6.07
CA HIS B 264 32.08 -30.36 6.90
C HIS B 264 32.12 -30.75 8.37
N SER B 265 31.86 -29.78 9.24
CA SER B 265 31.83 -30.02 10.68
C SER B 265 30.83 -29.07 11.32
N VAL B 266 30.04 -29.57 12.26
CA VAL B 266 29.03 -28.74 12.93
C VAL B 266 29.12 -28.81 14.44
N LEU B 267 29.23 -27.65 15.07
CA LEU B 267 29.31 -27.56 16.53
C LEU B 267 27.97 -27.19 17.11
N GLY B 268 27.58 -27.87 18.18
CA GLY B 268 26.37 -27.50 18.88
C GLY B 268 26.93 -26.20 19.43
N ASP B 269 26.14 -25.38 20.11
CA ASP B 269 26.63 -24.08 20.59
C ASP B 269 28.07 -23.73 20.17
N PHE B 270 29.08 -24.27 20.86
CA PHE B 270 30.46 -23.97 20.46
C PHE B 270 31.31 -25.24 20.48
N LYS B 271 30.70 -26.36 20.83
CA LYS B 271 31.40 -27.63 20.90
C LYS B 271 30.79 -28.61 19.89
N PRO B 272 31.58 -29.57 19.41
CA PRO B 272 31.05 -30.53 18.43
C PRO B 272 29.61 -30.98 18.72
N TYR B 273 28.93 -31.45 17.68
CA TYR B 273 27.55 -31.88 17.83
C TYR B 273 27.34 -33.36 17.48
N ARG B 274 26.69 -34.07 18.38
CA ARG B 274 26.42 -35.48 18.19
C ARG B 274 24.92 -35.71 18.26
N PRO B 275 24.33 -36.17 17.14
CA PRO B 275 22.88 -36.43 17.11
C PRO B 275 22.40 -37.08 18.39
N GLY B 276 21.14 -36.85 18.75
CA GLY B 276 20.61 -37.42 19.96
C GLY B 276 21.59 -37.25 21.10
N GLN B 277 22.10 -36.03 21.25
CA GLN B 277 23.05 -35.70 22.32
C GLN B 277 22.35 -34.97 23.45
N ALA B 278 22.49 -35.49 24.67
CA ALA B 278 21.84 -34.90 25.85
C ALA B 278 21.60 -33.40 25.72
N TYR B 279 22.64 -32.68 25.32
CA TYR B 279 22.55 -31.24 25.17
C TYR B 279 21.47 -30.78 24.19
N VAL B 280 21.39 -29.46 24.02
CA VAL B 280 20.43 -28.81 23.13
C VAL B 280 21.02 -27.46 22.76
N PRO B 281 21.88 -27.43 21.73
CA PRO B 281 22.52 -26.20 21.28
C PRO B 281 21.56 -25.08 20.88
N CYS B 282 21.85 -23.88 21.37
CA CYS B 282 21.03 -22.73 21.05
C CYS B 282 21.36 -22.41 19.60
N TYR B 283 22.65 -22.43 19.30
CA TYR B 283 23.14 -22.14 17.97
C TYR B 283 23.67 -23.40 17.30
N PHE B 284 23.89 -23.30 16.00
CA PHE B 284 24.43 -24.40 15.21
C PHE B 284 25.47 -23.74 14.33
N ILE B 285 26.73 -24.12 14.51
CA ILE B 285 27.79 -23.51 13.73
C ILE B 285 28.40 -24.50 12.76
N HIS B 286 28.25 -24.20 11.47
CA HIS B 286 28.80 -25.05 10.42
C HIS B 286 30.08 -24.44 9.87
N VAL B 287 31.17 -25.18 9.95
CA VAL B 287 32.46 -24.73 9.44
C VAL B 287 32.86 -25.61 8.26
N LEU B 288 33.29 -24.96 7.18
CA LEU B 288 33.70 -25.65 5.96
C LEU B 288 35.14 -25.42 5.50
N LYS B 289 35.83 -26.55 5.32
CA LYS B 289 37.20 -26.57 4.88
C LYS B 289 37.22 -26.83 3.39
N LYS B 290 36.93 -25.79 2.62
CA LYS B 290 36.94 -25.90 1.17
C LYS B 290 38.20 -26.67 0.88
N THR B 291 38.07 -27.79 0.18
CA THR B 291 39.22 -28.62 -0.15
C THR B 291 39.50 -28.57 -1.64
N GLY B 292 38.45 -28.43 -2.43
CA GLY B 292 38.61 -28.38 -3.88
C GLY B 292 37.78 -27.31 -4.55
N THR C 41 -34.47 19.84 -9.53
CA THR C 41 -35.22 21.01 -9.97
C THR C 41 -36.49 20.62 -10.74
N ALA C 42 -37.63 21.00 -10.18
CA ALA C 42 -38.92 20.71 -10.79
C ALA C 42 -38.99 21.36 -12.17
N GLU C 43 -38.13 22.35 -12.39
CA GLU C 43 -38.07 23.05 -13.66
C GLU C 43 -37.18 22.26 -14.61
N TYR C 44 -36.21 21.55 -14.06
CA TYR C 44 -35.30 20.75 -14.88
C TYR C 44 -35.89 19.37 -15.10
N LYS C 45 -36.88 19.00 -14.29
CA LYS C 45 -37.54 17.72 -14.44
C LYS C 45 -38.61 17.91 -15.50
N ALA C 46 -39.21 19.10 -15.48
CA ALA C 46 -40.25 19.45 -16.44
C ALA C 46 -39.70 19.54 -17.85
N TRP C 47 -38.46 20.02 -17.97
CA TRP C 47 -37.82 20.16 -19.28
C TRP C 47 -37.35 18.79 -19.78
N LEU C 48 -36.69 18.03 -18.90
CA LEU C 48 -36.21 16.71 -19.25
C LEU C 48 -37.37 15.88 -19.80
N LEU C 49 -38.44 15.80 -19.01
CA LEU C 49 -39.62 15.05 -19.41
C LEU C 49 -40.23 15.66 -20.66
N GLY C 50 -40.18 16.99 -20.75
CA GLY C 50 -40.72 17.69 -21.90
C GLY C 50 -39.97 17.37 -23.17
N LEU C 51 -38.64 17.39 -23.10
CA LEU C 51 -37.82 17.07 -24.26
C LEU C 51 -38.08 15.63 -24.68
N LEU C 52 -37.92 14.71 -23.75
CA LEU C 52 -38.14 13.29 -24.01
C LEU C 52 -39.51 13.11 -24.67
N ARG C 53 -40.57 13.36 -23.89
CA ARG C 53 -41.94 13.22 -24.38
C ARG C 53 -42.14 13.97 -25.69
N GLN C 54 -41.50 15.12 -25.79
CA GLN C 54 -41.59 15.95 -26.98
C GLN C 54 -41.11 15.22 -28.23
N HIS C 55 -39.99 14.52 -28.13
CA HIS C 55 -39.47 13.80 -29.28
C HIS C 55 -40.10 12.43 -29.43
N GLY C 56 -40.94 12.09 -28.46
CA GLY C 56 -41.60 10.81 -28.50
C GLY C 56 -40.69 9.69 -28.08
N CYS C 57 -39.95 9.93 -27.00
CA CYS C 57 -39.02 8.91 -26.51
C CYS C 57 -39.65 8.12 -25.38
N HIS C 58 -39.70 6.81 -25.55
CA HIS C 58 -40.27 5.94 -24.53
C HIS C 58 -39.17 5.15 -23.85
N ARG C 59 -38.37 4.46 -24.67
CA ARG C 59 -37.26 3.67 -24.18
C ARG C 59 -36.14 4.64 -23.84
N VAL C 60 -35.63 4.55 -22.62
CA VAL C 60 -34.55 5.42 -22.19
C VAL C 60 -33.54 4.67 -21.35
N LEU C 61 -32.28 4.86 -21.66
CA LEU C 61 -31.19 4.19 -20.94
C LEU C 61 -30.40 5.18 -20.12
N ASP C 62 -30.47 5.03 -18.81
CA ASP C 62 -29.72 5.91 -17.92
C ASP C 62 -28.35 5.25 -17.78
N VAL C 63 -27.32 5.86 -18.38
CA VAL C 63 -25.98 5.28 -18.33
C VAL C 63 -25.19 5.79 -17.13
N ALA C 64 -25.91 6.14 -16.08
CA ALA C 64 -25.31 6.66 -14.86
C ALA C 64 -26.36 6.60 -13.74
N CYS C 65 -27.10 5.49 -13.73
CA CYS C 65 -28.16 5.26 -12.75
C CYS C 65 -27.81 5.85 -11.40
N GLY C 66 -26.69 5.45 -10.83
CA GLY C 66 -26.31 5.95 -9.53
C GLY C 66 -27.30 5.39 -8.54
N THR C 67 -27.63 6.12 -7.48
CA THR C 67 -28.60 5.59 -6.54
C THR C 67 -29.89 5.37 -7.36
N GLY C 68 -29.93 5.97 -8.55
CA GLY C 68 -31.07 5.82 -9.43
C GLY C 68 -32.14 6.91 -9.37
N VAL C 69 -31.82 8.04 -8.75
CA VAL C 69 -32.77 9.15 -8.63
C VAL C 69 -33.38 9.52 -9.97
N ASP C 70 -32.55 9.98 -10.89
CA ASP C 70 -33.02 10.37 -12.21
C ASP C 70 -33.73 9.24 -12.94
N SER C 71 -33.23 8.01 -12.78
CA SER C 71 -33.85 6.87 -13.43
C SER C 71 -35.21 6.64 -12.79
N ILE C 72 -35.18 6.33 -11.49
CA ILE C 72 -36.39 6.10 -10.69
C ILE C 72 -37.52 6.96 -11.22
N MET C 73 -37.25 8.25 -11.34
CA MET C 73 -38.21 9.21 -11.83
C MET C 73 -38.83 8.73 -13.13
N LEU C 74 -38.07 8.84 -14.21
CA LEU C 74 -38.54 8.43 -15.54
C LEU C 74 -39.50 7.27 -15.44
N VAL C 75 -39.17 6.31 -14.57
CA VAL C 75 -40.01 5.15 -14.34
C VAL C 75 -41.44 5.56 -13.99
N GLU C 76 -41.60 6.24 -12.86
CA GLU C 76 -42.91 6.68 -12.41
C GLU C 76 -43.70 7.38 -13.49
N GLU C 77 -42.99 8.01 -14.42
CA GLU C 77 -43.65 8.74 -15.51
C GLU C 77 -44.06 7.85 -16.66
N GLY C 78 -44.24 6.56 -16.39
CA GLY C 78 -44.64 5.64 -17.44
C GLY C 78 -43.68 5.63 -18.61
N PHE C 79 -42.38 5.59 -18.30
CA PHE C 79 -41.34 5.55 -19.33
C PHE C 79 -40.67 4.21 -19.19
N SER C 80 -40.31 3.58 -20.30
CA SER C 80 -39.65 2.27 -20.24
C SER C 80 -38.17 2.58 -20.06
N VAL C 81 -37.63 2.28 -18.88
CA VAL C 81 -36.23 2.57 -18.64
C VAL C 81 -35.34 1.44 -18.15
N THR C 82 -34.19 1.33 -18.79
CA THR C 82 -33.20 0.34 -18.42
C THR C 82 -32.11 1.20 -17.79
N SER C 83 -31.68 0.82 -16.60
CA SER C 83 -30.67 1.58 -15.90
C SER C 83 -29.44 0.76 -15.65
N VAL C 84 -28.29 1.38 -15.95
CA VAL C 84 -26.98 0.78 -15.78
C VAL C 84 -26.00 1.77 -15.14
N ASP C 85 -25.15 1.23 -14.27
CA ASP C 85 -24.14 2.02 -13.56
C ASP C 85 -22.94 1.13 -13.30
N ALA C 86 -21.75 1.71 -13.29
CA ALA C 86 -20.51 0.95 -13.07
C ALA C 86 -20.21 0.61 -11.62
N SER C 87 -20.86 1.29 -10.68
CA SER C 87 -20.62 1.08 -9.27
C SER C 87 -21.65 0.27 -8.47
N ASP C 88 -21.25 -0.90 -8.01
CA ASP C 88 -22.13 -1.75 -7.20
C ASP C 88 -22.75 -0.85 -6.13
N LYS C 89 -21.94 -0.54 -5.12
CA LYS C 89 -22.33 0.29 -3.99
C LYS C 89 -23.47 1.26 -4.29
N MET C 90 -23.33 2.07 -5.33
CA MET C 90 -24.38 3.04 -5.67
C MET C 90 -25.57 2.36 -6.35
N LEU C 91 -25.27 1.61 -7.40
CA LEU C 91 -26.30 0.90 -8.15
C LEU C 91 -27.26 0.17 -7.20
N LYS C 92 -26.68 -0.55 -6.24
CA LYS C 92 -27.46 -1.33 -5.28
C LYS C 92 -28.47 -0.50 -4.49
N TYR C 93 -28.15 0.74 -4.19
CA TYR C 93 -29.06 1.60 -3.45
C TYR C 93 -30.31 1.88 -4.26
N ALA C 94 -30.20 1.71 -5.57
CA ALA C 94 -31.34 1.92 -6.47
C ALA C 94 -32.10 0.60 -6.52
N LEU C 95 -31.35 -0.47 -6.74
CA LEU C 95 -31.91 -1.81 -6.81
C LEU C 95 -32.87 -1.98 -5.65
N LYS C 96 -32.60 -1.27 -4.57
CA LYS C 96 -33.42 -1.32 -3.36
C LYS C 96 -34.83 -0.78 -3.59
N GLU C 97 -34.91 0.44 -4.12
CA GLU C 97 -36.20 1.07 -4.39
C GLU C 97 -37.07 0.20 -5.30
N ARG C 98 -36.43 -0.59 -6.16
CA ARG C 98 -37.16 -1.48 -7.06
C ARG C 98 -37.90 -2.55 -6.27
N TRP C 99 -37.20 -3.28 -5.40
CA TRP C 99 -37.86 -4.31 -4.61
C TRP C 99 -38.99 -3.66 -3.83
N ASN C 100 -38.66 -2.62 -3.06
CA ASN C 100 -39.64 -1.90 -2.26
C ASN C 100 -40.88 -1.56 -3.08
N ARG C 101 -40.70 -0.74 -4.11
CA ARG C 101 -41.81 -0.35 -4.97
C ARG C 101 -42.13 -1.43 -5.97
N ARG C 102 -41.54 -2.61 -5.79
CA ARG C 102 -41.75 -3.74 -6.69
C ARG C 102 -43.22 -4.09 -6.77
N LYS C 103 -44.00 -3.55 -5.84
CA LYS C 103 -45.43 -3.78 -5.78
C LYS C 103 -46.14 -2.91 -6.82
N GLU C 104 -45.38 -2.14 -7.59
CA GLU C 104 -45.93 -1.29 -8.63
C GLU C 104 -45.44 -1.79 -9.99
N PRO C 105 -46.36 -2.24 -10.85
CA PRO C 105 -45.96 -2.74 -12.17
C PRO C 105 -44.79 -2.00 -12.78
N ALA C 106 -44.81 -0.67 -12.68
CA ALA C 106 -43.75 0.15 -13.23
C ALA C 106 -42.35 -0.40 -12.90
N PHE C 107 -42.03 -0.42 -11.62
CA PHE C 107 -40.74 -0.90 -11.19
C PHE C 107 -40.53 -2.37 -11.52
N ASP C 108 -41.62 -3.11 -11.69
CA ASP C 108 -41.52 -4.52 -12.03
C ASP C 108 -40.84 -4.68 -13.39
N LYS C 109 -40.73 -3.58 -14.13
CA LYS C 109 -40.11 -3.61 -15.44
C LYS C 109 -38.83 -2.79 -15.46
N TRP C 110 -38.71 -1.89 -14.49
CA TRP C 110 -37.53 -1.03 -14.38
C TRP C 110 -36.33 -1.96 -14.39
N VAL C 111 -35.25 -1.56 -15.04
CA VAL C 111 -34.07 -2.42 -15.05
C VAL C 111 -32.84 -1.76 -14.43
N ILE C 112 -31.84 -2.57 -14.12
CA ILE C 112 -30.62 -2.12 -13.50
C ILE C 112 -29.61 -3.23 -13.69
N GLU C 113 -28.44 -2.86 -14.15
CA GLU C 113 -27.38 -3.80 -14.37
C GLU C 113 -26.12 -2.99 -14.30
N GLU C 114 -25.04 -3.62 -13.87
CA GLU C 114 -23.77 -2.94 -13.79
C GLU C 114 -23.26 -2.79 -15.22
N ALA C 115 -22.45 -1.77 -15.48
CA ALA C 115 -21.94 -1.54 -16.82
C ALA C 115 -20.94 -0.40 -16.83
N ASN C 116 -20.01 -0.44 -17.79
CA ASN C 116 -18.99 0.59 -17.92
C ASN C 116 -18.96 1.19 -19.33
N TRP C 117 -19.10 2.52 -19.40
CA TRP C 117 -19.09 3.21 -20.67
C TRP C 117 -17.97 2.69 -21.58
N LEU C 118 -16.93 2.12 -20.99
CA LEU C 118 -15.79 1.62 -21.75
C LEU C 118 -16.02 0.28 -22.44
N THR C 119 -16.96 -0.49 -21.91
CA THR C 119 -17.28 -1.79 -22.48
C THR C 119 -18.77 -1.91 -22.74
N LEU C 120 -19.43 -0.77 -22.73
CA LEU C 120 -20.86 -0.67 -23.00
C LEU C 120 -21.29 -1.71 -24.02
N ASP C 121 -20.86 -1.52 -25.26
CA ASP C 121 -21.19 -2.41 -26.36
C ASP C 121 -21.38 -3.83 -25.92
N LYS C 122 -20.43 -4.35 -25.16
CA LYS C 122 -20.54 -5.72 -24.70
C LYS C 122 -21.38 -5.93 -23.44
N ASP C 123 -21.46 -4.94 -22.55
CA ASP C 123 -22.26 -5.11 -21.34
C ASP C 123 -23.76 -4.85 -21.59
N VAL C 124 -24.06 -3.93 -22.49
CA VAL C 124 -25.45 -3.62 -22.81
C VAL C 124 -25.78 -3.76 -24.28
N PRO C 125 -26.30 -4.92 -24.69
CA PRO C 125 -26.62 -5.04 -26.12
C PRO C 125 -27.64 -3.95 -26.48
N ALA C 126 -27.31 -3.13 -27.46
CA ALA C 126 -28.18 -2.04 -27.89
C ALA C 126 -29.39 -2.51 -28.71
N GLY C 127 -29.25 -3.68 -29.34
CA GLY C 127 -30.32 -4.20 -30.16
C GLY C 127 -30.51 -3.23 -31.30
N ASP C 128 -31.75 -2.85 -31.57
CA ASP C 128 -31.99 -1.88 -32.64
C ASP C 128 -31.46 -0.55 -32.13
N GLY C 129 -31.81 -0.23 -30.88
CA GLY C 129 -31.36 1.02 -30.28
C GLY C 129 -32.32 1.55 -29.24
N PHE C 130 -31.86 2.54 -28.48
CA PHE C 130 -32.65 3.17 -27.43
C PHE C 130 -33.06 4.56 -27.94
N ASP C 131 -34.30 4.95 -27.70
CA ASP C 131 -34.78 6.26 -28.16
C ASP C 131 -34.05 7.43 -27.49
N ALA C 132 -33.85 7.32 -26.17
CA ALA C 132 -33.18 8.37 -25.43
C ALA C 132 -32.24 7.86 -24.34
N VAL C 133 -30.95 8.13 -24.52
CA VAL C 133 -29.92 7.73 -23.55
C VAL C 133 -29.53 9.00 -22.80
N ILE C 134 -29.55 8.95 -21.47
CA ILE C 134 -29.19 10.14 -20.70
C ILE C 134 -28.00 9.92 -19.76
N CYS C 135 -27.20 10.99 -19.61
CA CYS C 135 -26.01 11.01 -18.75
C CYS C 135 -25.88 12.30 -17.95
N LEU C 136 -26.85 12.53 -17.08
CA LEU C 136 -26.92 13.71 -16.20
C LEU C 136 -26.00 13.67 -14.97
N GLY C 137 -26.09 14.72 -14.16
CA GLY C 137 -25.33 14.81 -12.92
C GLY C 137 -23.80 14.78 -12.94
N ASN C 138 -23.17 15.47 -13.87
CA ASN C 138 -21.71 15.49 -13.93
C ASN C 138 -21.07 14.14 -13.63
N SER C 139 -21.62 13.07 -14.20
CA SER C 139 -21.10 11.73 -13.99
C SER C 139 -19.93 11.52 -14.95
N PHE C 140 -20.19 11.64 -16.24
CA PHE C 140 -19.17 11.45 -17.26
C PHE C 140 -17.79 11.99 -16.90
N ALA C 141 -17.77 13.12 -16.21
CA ALA C 141 -16.52 13.76 -15.81
C ALA C 141 -15.68 12.88 -14.89
N HIS C 142 -16.29 11.83 -14.37
CA HIS C 142 -15.57 10.94 -13.47
C HIS C 142 -14.60 10.02 -14.20
N LEU C 143 -14.66 10.02 -15.53
CA LEU C 143 -13.75 9.18 -16.28
C LEU C 143 -12.44 9.92 -16.40
N PRO C 144 -11.35 9.34 -15.87
CA PRO C 144 -10.06 10.01 -15.95
C PRO C 144 -9.35 9.68 -17.26
N ASP C 145 -8.46 10.56 -17.69
CA ASP C 145 -7.71 10.36 -18.92
C ASP C 145 -6.36 9.71 -18.62
N SER C 146 -6.41 8.60 -17.90
CA SER C 146 -5.21 7.85 -17.53
C SER C 146 -4.17 7.77 -18.65
N LYS C 147 -4.60 7.39 -19.85
CA LYS C 147 -3.72 7.25 -21.00
C LYS C 147 -3.02 8.52 -21.47
N GLY C 148 -3.53 9.68 -21.07
CA GLY C 148 -2.92 10.93 -21.49
C GLY C 148 -3.68 11.52 -22.66
N ASP C 149 -4.02 10.69 -23.63
CA ASP C 149 -4.77 11.14 -24.79
C ASP C 149 -6.25 10.85 -24.51
N GLN C 150 -7.13 11.68 -25.04
CA GLN C 150 -8.56 11.50 -24.81
C GLN C 150 -9.06 10.15 -25.31
N SER C 151 -8.15 9.31 -25.78
CA SER C 151 -8.51 7.99 -26.28
C SER C 151 -9.60 7.36 -25.40
N GLU C 152 -9.32 7.29 -24.09
CA GLU C 152 -10.27 6.73 -23.13
C GLU C 152 -11.61 7.43 -23.26
N HIS C 153 -11.57 8.75 -23.32
CA HIS C 153 -12.78 9.56 -23.44
C HIS C 153 -13.55 9.24 -24.71
N ARG C 154 -12.85 9.22 -25.84
CA ARG C 154 -13.50 8.94 -27.11
C ARG C 154 -14.22 7.61 -27.06
N LEU C 155 -13.58 6.61 -26.45
CA LEU C 155 -14.18 5.29 -26.33
C LEU C 155 -15.44 5.36 -25.47
N ALA C 156 -15.37 6.15 -24.39
CA ALA C 156 -16.50 6.32 -23.48
C ALA C 156 -17.65 6.96 -24.25
N LEU C 157 -17.44 8.17 -24.74
CA LEU C 157 -18.48 8.86 -25.50
C LEU C 157 -18.98 7.92 -26.58
N LYS C 158 -18.06 7.40 -27.37
CA LYS C 158 -18.40 6.51 -28.47
C LYS C 158 -19.32 5.36 -28.08
N ASN C 159 -19.04 4.71 -26.97
CA ASN C 159 -19.86 3.59 -26.54
C ASN C 159 -21.27 3.99 -26.14
N ILE C 160 -21.41 5.15 -25.51
CA ILE C 160 -22.73 5.60 -25.09
C ILE C 160 -23.60 6.02 -26.29
N ALA C 161 -23.02 6.75 -27.23
CA ALA C 161 -23.75 7.21 -28.40
C ALA C 161 -24.21 6.02 -29.24
N SER C 162 -23.60 4.86 -29.02
CA SER C 162 -23.97 3.65 -29.75
C SER C 162 -25.22 3.03 -29.16
N MET C 163 -25.78 3.67 -28.14
CA MET C 163 -26.98 3.17 -27.49
C MET C 163 -28.19 3.96 -27.96
N VAL C 164 -27.94 4.94 -28.81
CA VAL C 164 -29.00 5.77 -29.35
C VAL C 164 -29.42 5.27 -30.73
N ARG C 165 -30.72 5.38 -31.02
CA ARG C 165 -31.30 4.95 -32.28
C ARG C 165 -31.44 6.16 -33.19
N PRO C 166 -31.12 5.99 -34.48
CA PRO C 166 -31.24 7.12 -35.41
C PRO C 166 -32.45 7.95 -35.00
N GLY C 167 -32.25 9.25 -34.94
CA GLY C 167 -33.30 10.16 -34.51
C GLY C 167 -33.32 10.07 -32.99
N GLY C 168 -32.15 9.77 -32.42
CA GLY C 168 -32.06 9.61 -30.97
C GLY C 168 -31.68 10.84 -30.17
N LEU C 169 -31.63 10.68 -28.85
CA LEU C 169 -31.28 11.75 -27.93
C LEU C 169 -30.26 11.29 -26.91
N LEU C 170 -29.45 12.23 -26.42
CA LEU C 170 -28.44 11.93 -25.43
C LEU C 170 -28.27 13.16 -24.55
N VAL C 171 -28.52 13.01 -23.25
CA VAL C 171 -28.39 14.16 -22.36
C VAL C 171 -27.19 14.08 -21.42
N ILE C 172 -26.02 14.24 -22.01
CA ILE C 172 -24.79 14.19 -21.24
C ILE C 172 -24.43 15.61 -20.82
N ASP C 173 -24.12 15.80 -19.55
CA ASP C 173 -23.77 17.13 -19.08
C ASP C 173 -22.42 17.11 -18.41
N HIS C 174 -21.98 18.28 -17.97
CA HIS C 174 -20.71 18.41 -17.28
C HIS C 174 -20.60 19.79 -16.63
N LYS C 175 -20.22 19.80 -15.35
CA LYS C 175 -20.08 21.05 -14.62
C LYS C 175 -19.29 22.06 -15.43
N ASN C 176 -19.55 23.34 -15.18
CA ASN C 176 -18.88 24.41 -15.89
C ASN C 176 -17.41 24.51 -15.50
N TYR C 177 -16.64 23.47 -15.82
CA TYR C 177 -15.22 23.44 -15.48
C TYR C 177 -14.41 24.53 -16.16
N ASP C 178 -15.07 25.35 -16.96
CA ASP C 178 -14.40 26.45 -17.65
C ASP C 178 -14.11 27.56 -16.66
N TYR C 179 -15.15 28.03 -15.97
CA TYR C 179 -14.97 29.08 -14.97
C TYR C 179 -14.12 28.56 -13.82
N ILE C 180 -14.41 27.34 -13.38
CA ILE C 180 -13.67 26.73 -12.29
C ILE C 180 -12.18 26.74 -12.62
N LEU C 181 -11.87 26.90 -13.91
CA LEU C 181 -10.49 26.92 -14.37
C LEU C 181 -9.85 28.28 -14.05
N SER C 182 -10.69 29.31 -13.97
CA SER C 182 -10.23 30.65 -13.66
C SER C 182 -10.52 31.03 -12.20
N THR C 183 -11.08 30.09 -11.46
CA THR C 183 -11.39 30.33 -10.05
C THR C 183 -10.73 29.27 -9.17
N GLY C 184 -10.03 28.33 -9.80
CA GLY C 184 -9.34 27.28 -9.07
C GLY C 184 -9.98 26.86 -7.77
N CYS C 185 -11.31 26.71 -7.77
CA CYS C 185 -12.06 26.29 -6.59
C CYS C 185 -13.50 25.97 -7.00
N ALA C 186 -14.06 24.92 -6.42
CA ALA C 186 -15.44 24.53 -6.74
C ALA C 186 -16.38 24.70 -5.55
N PRO C 187 -17.36 25.62 -5.66
CA PRO C 187 -18.31 25.86 -4.58
C PRO C 187 -19.38 24.79 -4.47
N PRO C 188 -19.53 24.21 -3.26
CA PRO C 188 -20.53 23.15 -3.06
C PRO C 188 -21.96 23.68 -2.98
N GLY C 189 -22.91 22.75 -2.88
CA GLY C 189 -24.32 23.08 -2.78
C GLY C 189 -24.93 23.88 -3.92
N LYS C 190 -24.40 23.72 -5.13
CA LYS C 190 -24.93 24.45 -6.28
C LYS C 190 -25.73 23.55 -7.22
N ASN C 191 -25.91 22.30 -6.80
CA ASN C 191 -26.66 21.32 -7.58
C ASN C 191 -28.03 21.87 -7.96
N ILE C 192 -28.37 21.79 -9.23
CA ILE C 192 -29.67 22.26 -9.71
C ILE C 192 -30.53 21.04 -9.98
N TYR C 193 -30.26 19.97 -9.23
CA TYR C 193 -30.99 18.72 -9.39
C TYR C 193 -31.80 18.33 -8.15
N TYR C 194 -31.12 18.16 -7.01
CA TYR C 194 -31.80 17.79 -5.78
C TYR C 194 -31.31 18.62 -4.60
N LYS C 195 -32.25 19.09 -3.78
CA LYS C 195 -31.89 19.88 -2.61
C LYS C 195 -30.96 19.10 -1.69
N SER C 196 -29.72 19.55 -1.60
CA SER C 196 -28.72 18.90 -0.76
C SER C 196 -28.83 19.42 0.67
N ASP C 197 -29.15 18.52 1.61
CA ASP C 197 -29.30 18.87 3.02
C ASP C 197 -28.14 18.43 3.91
N LEU C 198 -27.03 18.03 3.30
CA LEU C 198 -25.87 17.59 4.07
C LEU C 198 -24.74 18.60 4.06
N THR C 199 -24.64 19.38 5.12
CA THR C 199 -23.59 20.40 5.22
C THR C 199 -22.22 19.74 5.14
N LYS C 200 -21.36 20.30 4.30
CA LYS C 200 -20.02 19.77 4.10
C LYS C 200 -19.05 20.80 3.53
N ASP C 201 -17.76 20.52 3.72
CA ASP C 201 -16.68 21.37 3.24
C ASP C 201 -16.14 20.74 1.95
N ILE C 202 -15.11 21.35 1.37
CA ILE C 202 -14.51 20.84 0.14
C ILE C 202 -13.15 21.48 -0.13
N THR C 203 -12.18 20.64 -0.47
CA THR C 203 -10.84 21.13 -0.78
C THR C 203 -10.51 20.75 -2.23
N THR C 204 -10.20 21.75 -3.04
CA THR C 204 -9.92 21.55 -4.46
C THR C 204 -8.44 21.49 -4.88
N SER C 205 -8.01 20.30 -5.31
CA SER C 205 -6.66 20.04 -5.77
C SER C 205 -6.61 19.93 -7.29
N VAL C 206 -6.42 21.06 -7.97
CA VAL C 206 -6.35 21.07 -9.42
C VAL C 206 -4.95 20.72 -9.93
N LEU C 207 -4.86 19.55 -10.57
CA LEU C 207 -3.61 19.04 -11.14
C LEU C 207 -3.47 19.63 -12.53
N THR C 208 -2.24 19.97 -12.90
CA THR C 208 -1.93 20.56 -14.18
C THR C 208 -0.70 19.88 -14.77
N VAL C 209 -0.89 19.11 -15.82
CA VAL C 209 0.21 18.39 -16.46
C VAL C 209 0.60 19.10 -17.74
N ASN C 210 1.81 19.61 -17.78
CA ASN C 210 2.32 20.31 -18.96
C ASN C 210 1.46 21.48 -19.40
N ASN C 211 0.95 22.23 -18.40
CA ASN C 211 0.10 23.38 -18.69
C ASN C 211 -1.27 23.01 -19.19
N LYS C 212 -1.62 21.73 -19.09
CA LYS C 212 -2.93 21.26 -19.51
C LYS C 212 -3.64 20.66 -18.29
N ALA C 213 -4.68 21.34 -17.81
CA ALA C 213 -5.44 20.86 -16.66
C ALA C 213 -5.67 19.37 -16.88
N HIS C 214 -5.22 18.55 -15.93
CA HIS C 214 -5.38 17.10 -16.06
C HIS C 214 -6.37 16.50 -15.07
N MET C 215 -6.43 17.05 -13.87
CA MET C 215 -7.32 16.50 -12.84
C MET C 215 -7.85 17.56 -11.88
N VAL C 216 -8.85 17.17 -11.09
CA VAL C 216 -9.49 18.05 -10.13
C VAL C 216 -9.99 17.15 -8.99
N THR C 217 -9.29 17.13 -7.87
CA THR C 217 -9.70 16.29 -6.76
C THR C 217 -10.41 17.08 -5.66
N LEU C 218 -11.70 16.79 -5.50
CA LEU C 218 -12.54 17.44 -4.50
C LEU C 218 -12.66 16.56 -3.27
N ASP C 219 -12.07 17.02 -2.17
CA ASP C 219 -12.10 16.28 -0.91
C ASP C 219 -13.23 16.82 -0.05
N TYR C 220 -14.34 16.08 -0.04
CA TYR C 220 -15.53 16.47 0.70
C TYR C 220 -15.45 16.22 2.20
N THR C 221 -15.51 17.30 2.97
CA THR C 221 -15.46 17.23 4.43
C THR C 221 -16.87 17.31 5.00
N VAL C 222 -17.67 16.28 4.76
CA VAL C 222 -19.03 16.27 5.25
C VAL C 222 -19.08 16.31 6.78
N GLN C 223 -20.24 16.73 7.31
CA GLN C 223 -20.47 16.80 8.75
C GLN C 223 -21.68 15.96 9.11
N VAL C 224 -21.64 15.34 10.28
CA VAL C 224 -22.73 14.52 10.75
C VAL C 224 -23.34 15.19 11.99
N PRO C 225 -24.30 16.10 11.80
CA PRO C 225 -24.95 16.81 12.91
C PRO C 225 -25.15 15.99 14.18
N GLY C 226 -25.46 14.71 14.03
CA GLY C 226 -25.68 13.87 15.20
C GLY C 226 -24.49 13.13 15.78
N ALA C 227 -23.38 13.11 15.04
CA ALA C 227 -22.17 12.44 15.51
C ALA C 227 -21.47 13.23 16.60
N GLY C 228 -22.07 13.27 17.79
CA GLY C 228 -21.49 14.00 18.90
C GLY C 228 -22.05 13.65 20.26
N ARG C 229 -21.64 14.41 21.27
CA ARG C 229 -22.09 14.19 22.65
C ARG C 229 -23.48 14.76 22.88
N ASP C 230 -23.53 16.04 23.25
CA ASP C 230 -24.79 16.72 23.53
C ASP C 230 -25.44 17.18 22.23
N GLY C 231 -25.55 16.26 21.28
CA GLY C 231 -26.15 16.58 20.00
C GLY C 231 -25.11 16.98 18.97
N ALA C 232 -24.03 17.60 19.44
CA ALA C 232 -22.95 18.03 18.56
C ALA C 232 -22.69 17.05 17.39
N PRO C 233 -22.34 17.59 16.21
CA PRO C 233 -22.08 16.77 15.03
C PRO C 233 -20.58 16.53 14.85
N GLY C 234 -20.23 15.36 14.31
CA GLY C 234 -18.84 15.03 14.07
C GLY C 234 -18.44 15.48 12.67
N PHE C 235 -17.17 15.29 12.32
CA PHE C 235 -16.71 15.71 11.00
C PHE C 235 -15.70 14.76 10.36
N SER C 236 -15.84 14.54 9.06
CA SER C 236 -14.93 13.66 8.33
C SER C 236 -14.99 13.96 6.84
N LYS C 237 -14.53 13.03 6.00
CA LYS C 237 -14.55 13.27 4.56
C LYS C 237 -14.42 12.02 3.67
N PHE C 238 -14.71 12.23 2.39
CA PHE C 238 -14.62 11.20 1.37
C PHE C 238 -14.08 11.91 0.13
N ARG C 239 -13.30 11.20 -0.68
CA ARG C 239 -12.71 11.80 -1.88
C ARG C 239 -13.47 11.52 -3.17
N LEU C 240 -13.41 12.48 -4.08
CA LEU C 240 -14.08 12.38 -5.38
C LEU C 240 -13.27 13.15 -6.41
N SER C 241 -12.72 12.46 -7.41
CA SER C 241 -11.92 13.13 -8.42
C SER C 241 -12.51 13.08 -9.84
N TYR C 242 -12.54 14.24 -10.48
CA TYR C 242 -13.06 14.35 -11.84
C TYR C 242 -12.08 15.01 -12.78
N TYR C 243 -12.23 14.73 -14.07
CA TYR C 243 -11.39 15.31 -15.09
C TYR C 243 -12.07 16.62 -15.51
N PRO C 244 -11.31 17.71 -15.63
CA PRO C 244 -11.96 18.96 -16.04
C PRO C 244 -12.60 18.79 -17.42
N HIS C 245 -13.29 19.83 -17.90
CA HIS C 245 -13.93 19.77 -19.20
C HIS C 245 -14.55 21.12 -19.59
N CYS C 246 -13.81 21.89 -20.37
CA CYS C 246 -14.29 23.19 -20.81
C CYS C 246 -15.19 22.97 -22.04
N LEU C 247 -16.29 23.68 -22.11
CA LEU C 247 -17.24 23.57 -23.22
C LEU C 247 -16.58 23.15 -24.54
N ALA C 248 -15.76 24.02 -25.12
CA ALA C 248 -15.10 23.73 -26.39
C ALA C 248 -14.72 22.25 -26.55
N SER C 249 -13.70 21.82 -25.83
CA SER C 249 -13.22 20.44 -25.89
C SER C 249 -14.32 19.38 -25.92
N PHE C 250 -15.27 19.47 -24.98
CA PHE C 250 -16.36 18.50 -24.90
C PHE C 250 -17.39 18.71 -25.99
N THR C 251 -17.71 19.97 -26.27
CA THR C 251 -18.69 20.27 -27.29
C THR C 251 -18.36 19.52 -28.59
N GLU C 252 -17.06 19.39 -28.86
CA GLU C 252 -16.59 18.70 -30.06
C GLU C 252 -16.39 17.21 -29.81
N LEU C 253 -15.70 16.90 -28.73
CA LEU C 253 -15.43 15.51 -28.39
C LEU C 253 -16.71 14.66 -28.48
N VAL C 254 -17.80 15.21 -27.98
CA VAL C 254 -19.10 14.52 -27.96
C VAL C 254 -19.72 14.31 -29.34
N GLN C 255 -19.74 15.36 -30.17
CA GLN C 255 -20.31 15.24 -31.52
C GLN C 255 -19.62 14.11 -32.25
N GLU C 256 -18.31 14.03 -32.08
CA GLU C 256 -17.50 12.99 -32.71
C GLU C 256 -18.05 11.63 -32.33
N ALA C 257 -18.65 11.55 -31.14
CA ALA C 257 -19.23 10.30 -30.66
C ALA C 257 -20.20 9.76 -31.71
N PHE C 258 -20.93 10.68 -32.33
CA PHE C 258 -21.91 10.32 -33.36
C PHE C 258 -21.27 10.55 -34.72
N GLY C 259 -20.14 11.27 -34.72
CA GLY C 259 -19.44 11.54 -35.95
C GLY C 259 -20.22 12.37 -36.93
N GLY C 260 -20.67 13.54 -36.49
CA GLY C 260 -21.42 14.41 -37.36
C GLY C 260 -22.91 14.19 -37.27
N ARG C 261 -23.35 12.98 -37.60
CA ARG C 261 -24.77 12.63 -37.56
C ARG C 261 -25.42 12.99 -36.23
N CYS C 262 -25.85 14.24 -36.09
CA CYS C 262 -26.46 14.66 -34.85
C CYS C 262 -26.73 16.15 -34.79
N GLN C 263 -27.80 16.49 -34.09
CA GLN C 263 -28.20 17.87 -33.88
C GLN C 263 -27.83 18.10 -32.43
N HIS C 264 -26.68 18.73 -32.22
CA HIS C 264 -26.18 19.00 -30.88
C HIS C 264 -26.65 20.35 -30.36
N SER C 265 -26.70 20.50 -29.04
CA SER C 265 -27.11 21.75 -28.42
C SER C 265 -26.72 21.73 -26.96
N VAL C 266 -26.32 22.86 -26.41
CA VAL C 266 -25.90 22.92 -25.01
C VAL C 266 -26.50 24.08 -24.22
N LEU C 267 -27.36 23.75 -23.26
CA LEU C 267 -27.99 24.77 -22.42
C LEU C 267 -27.03 25.19 -21.33
N GLY C 268 -26.92 26.49 -21.09
CA GLY C 268 -26.03 26.98 -20.05
C GLY C 268 -26.20 26.13 -18.79
N ASP C 269 -27.25 26.41 -18.03
CA ASP C 269 -27.52 25.63 -16.85
C ASP C 269 -28.57 24.66 -17.37
N PHE C 270 -29.79 25.16 -17.52
CA PHE C 270 -30.91 24.39 -18.07
C PHE C 270 -31.65 25.32 -19.01
N LYS C 271 -30.99 26.43 -19.36
CA LYS C 271 -31.55 27.43 -20.26
C LYS C 271 -30.63 27.60 -21.46
N PRO C 272 -31.11 28.28 -22.52
CA PRO C 272 -30.31 28.50 -23.73
C PRO C 272 -29.03 29.28 -23.44
N TYR C 273 -27.90 28.65 -23.72
CA TYR C 273 -26.61 29.27 -23.48
C TYR C 273 -26.09 30.02 -24.70
N ARG C 274 -25.29 31.06 -24.45
CA ARG C 274 -24.71 31.86 -25.51
C ARG C 274 -23.30 32.29 -25.14
N PRO C 275 -22.31 31.94 -25.97
CA PRO C 275 -20.95 32.34 -25.63
C PRO C 275 -20.92 33.86 -25.40
N GLY C 276 -20.04 34.32 -24.52
CA GLY C 276 -19.97 35.73 -24.24
C GLY C 276 -21.30 36.23 -23.71
N GLN C 277 -22.02 35.36 -23.00
CA GLN C 277 -23.31 35.73 -22.44
C GLN C 277 -23.17 36.22 -21.01
N ALA C 278 -24.29 36.71 -20.45
CA ALA C 278 -24.31 37.23 -19.09
C ALA C 278 -24.28 36.10 -18.06
N TYR C 279 -25.43 35.52 -17.79
CA TYR C 279 -25.52 34.45 -16.79
C TYR C 279 -24.45 33.38 -16.94
N VAL C 280 -23.55 33.32 -15.98
CA VAL C 280 -22.49 32.32 -15.99
C VAL C 280 -23.11 31.00 -15.57
N PRO C 281 -23.21 30.04 -16.51
CA PRO C 281 -23.79 28.74 -16.17
C PRO C 281 -23.01 28.07 -15.05
N CYS C 282 -23.25 26.78 -14.87
CA CYS C 282 -22.57 26.02 -13.83
C CYS C 282 -22.71 24.53 -14.12
N TYR C 283 -23.61 24.21 -15.05
CA TYR C 283 -23.87 22.84 -15.47
C TYR C 283 -24.23 22.87 -16.95
N PHE C 284 -23.25 22.68 -17.83
CA PHE C 284 -23.54 22.66 -19.25
C PHE C 284 -24.28 21.39 -19.60
N ILE C 285 -25.34 21.51 -20.41
CA ILE C 285 -26.13 20.34 -20.77
C ILE C 285 -26.18 20.10 -22.28
N HIS C 286 -25.53 19.03 -22.71
CA HIS C 286 -25.49 18.68 -24.12
C HIS C 286 -26.56 17.67 -24.48
N VAL C 287 -27.48 18.10 -25.33
CA VAL C 287 -28.57 17.27 -25.82
C VAL C 287 -28.20 16.90 -27.26
N LEU C 288 -28.30 15.61 -27.57
CA LEU C 288 -27.94 15.11 -28.90
C LEU C 288 -29.03 14.34 -29.65
N LYS C 289 -29.30 14.83 -30.86
CA LYS C 289 -30.29 14.23 -31.73
C LYS C 289 -29.54 13.50 -32.82
N LYS C 290 -29.04 12.30 -32.51
CA LYS C 290 -28.32 11.53 -33.52
C LYS C 290 -29.14 11.58 -34.79
N THR C 291 -28.55 12.11 -35.86
CA THR C 291 -29.25 12.23 -37.15
C THR C 291 -28.49 11.52 -38.26
N GLY C 292 -28.60 10.20 -38.29
CA GLY C 292 -27.92 9.42 -39.32
C GLY C 292 -27.74 7.95 -38.96
N THR D 41 30.14 25.05 -11.73
CA THR D 41 30.07 25.97 -12.85
C THR D 41 31.23 26.94 -12.86
N ALA D 42 31.95 27.03 -13.97
CA ALA D 42 33.07 27.98 -14.07
C ALA D 42 32.67 29.27 -13.37
N GLU D 43 31.47 29.74 -13.70
CA GLU D 43 30.93 30.96 -13.11
C GLU D 43 30.64 30.70 -11.63
N TYR D 44 29.70 29.79 -11.41
CA TYR D 44 29.30 29.40 -10.06
C TYR D 44 30.49 29.41 -9.09
N LYS D 45 31.35 28.41 -9.24
CA LYS D 45 32.53 28.29 -8.39
C LYS D 45 33.18 29.66 -8.18
N ALA D 46 33.45 30.34 -9.29
CA ALA D 46 34.07 31.66 -9.24
C ALA D 46 33.39 32.57 -8.22
N TRP D 47 32.22 33.08 -8.59
CA TRP D 47 31.46 33.95 -7.71
C TRP D 47 31.57 33.51 -6.25
N LEU D 48 31.15 32.27 -5.99
CA LEU D 48 31.19 31.74 -4.62
C LEU D 48 32.46 32.15 -3.88
N LEU D 49 33.53 31.37 -4.06
CA LEU D 49 34.79 31.63 -3.40
C LEU D 49 34.97 33.12 -3.13
N GLY D 50 34.91 33.92 -4.19
CA GLY D 50 35.06 35.35 -4.01
C GLY D 50 34.17 35.82 -2.89
N LEU D 51 32.86 35.68 -3.08
CA LEU D 51 31.87 36.10 -2.10
C LEU D 51 32.33 35.66 -0.72
N LEU D 52 32.28 34.36 -0.48
CA LEU D 52 32.71 33.78 0.79
C LEU D 52 33.96 34.53 1.24
N ARG D 53 35.00 34.43 0.40
CA ARG D 53 36.29 35.07 0.64
C ARG D 53 36.17 36.51 1.13
N GLN D 54 35.63 37.37 0.28
CA GLN D 54 35.48 38.78 0.59
C GLN D 54 34.90 39.03 1.98
N HIS D 55 33.90 38.23 2.35
CA HIS D 55 33.27 38.38 3.65
C HIS D 55 34.20 37.89 4.76
N GLY D 56 35.13 37.02 4.38
CA GLY D 56 36.08 36.48 5.34
C GLY D 56 35.53 35.28 6.11
N CYS D 57 34.84 34.40 5.41
CA CYS D 57 34.27 33.22 6.05
C CYS D 57 35.26 32.08 5.99
N HIS D 58 35.48 31.43 7.12
CA HIS D 58 36.41 30.32 7.19
C HIS D 58 35.64 29.02 7.39
N ARG D 59 34.95 28.91 8.53
CA ARG D 59 34.16 27.72 8.79
C ARG D 59 32.82 27.86 8.10
N VAL D 60 32.50 26.86 7.30
CA VAL D 60 31.26 26.84 6.56
C VAL D 60 30.45 25.59 6.87
N LEU D 61 29.15 25.78 7.04
CA LEU D 61 28.27 24.68 7.33
C LEU D 61 27.40 24.46 6.10
N ASP D 62 27.49 23.27 5.52
CA ASP D 62 26.65 22.99 4.36
C ASP D 62 25.47 22.21 4.93
N VAL D 63 24.29 22.82 4.91
CA VAL D 63 23.11 22.18 5.46
C VAL D 63 22.47 21.22 4.47
N ALA D 64 23.10 21.10 3.31
CA ALA D 64 22.62 20.25 2.23
C ALA D 64 23.85 19.65 1.55
N CYS D 65 24.57 18.83 2.32
CA CYS D 65 25.79 18.20 1.86
C CYS D 65 25.64 17.23 0.72
N GLY D 66 24.40 16.88 0.34
CA GLY D 66 24.18 15.94 -0.75
C GLY D 66 25.32 14.95 -0.98
N THR D 67 25.75 14.76 -2.22
CA THR D 67 26.87 13.84 -2.49
C THR D 67 28.17 14.52 -2.04
N GLY D 68 28.03 15.79 -1.62
CA GLY D 68 29.16 16.55 -1.13
C GLY D 68 30.01 17.17 -2.22
N VAL D 69 29.38 17.79 -3.21
CA VAL D 69 30.12 18.41 -4.30
C VAL D 69 30.72 19.74 -3.87
N ASP D 70 29.89 20.63 -3.34
CA ASP D 70 30.38 21.92 -2.88
C ASP D 70 31.21 21.80 -1.63
N SER D 71 30.92 20.79 -0.81
CA SER D 71 31.67 20.59 0.43
C SER D 71 33.11 20.18 0.09
N ILE D 72 33.24 19.21 -0.80
CA ILE D 72 34.56 18.74 -1.22
C ILE D 72 35.38 19.84 -1.85
N MET D 73 34.71 20.76 -2.55
CA MET D 73 35.42 21.87 -3.19
C MET D 73 35.97 22.82 -2.11
N LEU D 74 35.07 23.42 -1.34
CA LEU D 74 35.49 24.33 -0.28
C LEU D 74 36.60 23.66 0.51
N VAL D 75 36.47 22.36 0.74
CA VAL D 75 37.49 21.63 1.48
C VAL D 75 38.84 21.90 0.83
N GLU D 76 38.97 21.51 -0.44
CA GLU D 76 40.21 21.73 -1.18
C GLU D 76 40.53 23.21 -1.17
N GLU D 77 39.51 24.02 -1.47
CA GLU D 77 39.66 25.46 -1.48
C GLU D 77 40.30 26.00 -0.20
N GLY D 78 40.43 25.15 0.82
CA GLY D 78 41.02 25.58 2.07
C GLY D 78 40.04 26.29 2.99
N PHE D 79 38.93 25.63 3.29
CA PHE D 79 37.91 26.18 4.18
C PHE D 79 37.64 25.15 5.27
N SER D 80 37.33 25.61 6.47
CA SER D 80 37.03 24.69 7.57
C SER D 80 35.59 24.20 7.38
N VAL D 81 35.44 23.08 6.66
CA VAL D 81 34.13 22.53 6.36
C VAL D 81 33.49 21.53 7.32
N THR D 82 32.23 21.83 7.64
CA THR D 82 31.40 21.01 8.49
C THR D 82 30.14 20.89 7.65
N SER D 83 30.00 19.76 6.97
CA SER D 83 28.85 19.55 6.11
C SER D 83 28.01 18.38 6.57
N VAL D 84 26.70 18.56 6.44
CA VAL D 84 25.69 17.58 6.80
C VAL D 84 24.46 17.60 5.87
N ASP D 85 23.87 16.42 5.72
CA ASP D 85 22.70 16.20 4.89
C ASP D 85 21.73 15.37 5.72
N ALA D 86 20.46 15.36 5.36
CA ALA D 86 19.48 14.58 6.12
C ALA D 86 19.21 13.22 5.48
N SER D 87 20.02 12.85 4.48
CA SER D 87 19.82 11.57 3.79
C SER D 87 21.04 10.67 3.77
N ASP D 88 20.93 9.51 4.42
CA ASP D 88 22.04 8.56 4.43
C ASP D 88 22.60 8.47 3.02
N LYS D 89 21.88 7.77 2.15
CA LYS D 89 22.29 7.58 0.76
C LYS D 89 23.19 8.71 0.25
N MET D 90 22.62 9.90 0.11
CA MET D 90 23.37 11.06 -0.36
C MET D 90 24.68 11.14 0.40
N LEU D 91 24.59 11.53 1.67
CA LEU D 91 25.76 11.66 2.52
C LEU D 91 26.77 10.53 2.32
N LYS D 92 26.30 9.30 2.45
CA LYS D 92 27.15 8.11 2.31
C LYS D 92 28.12 8.18 1.14
N TYR D 93 27.87 9.05 0.17
CA TYR D 93 28.77 9.19 -0.97
C TYR D 93 29.82 10.25 -0.69
N ALA D 94 29.42 11.30 0.03
CA ALA D 94 30.36 12.37 0.37
C ALA D 94 31.37 11.74 1.31
N LEU D 95 30.88 10.85 2.19
CA LEU D 95 31.73 10.15 3.15
C LEU D 95 32.79 9.35 2.42
N LYS D 96 32.37 8.61 1.39
CA LYS D 96 33.27 7.79 0.61
C LYS D 96 34.51 8.56 0.12
N GLU D 97 34.27 9.64 -0.62
CA GLU D 97 35.37 10.45 -1.14
C GLU D 97 36.34 10.77 -0.02
N ARG D 98 35.80 11.25 1.10
CA ARG D 98 36.62 11.63 2.26
C ARG D 98 37.49 10.48 2.75
N TRP D 99 36.97 9.26 2.69
CA TRP D 99 37.75 8.12 3.14
C TRP D 99 38.96 7.89 2.24
N ASN D 100 38.75 7.99 0.93
CA ASN D 100 39.83 7.82 -0.04
C ASN D 100 40.86 8.93 0.15
N ARG D 101 40.39 10.17 0.10
CA ARG D 101 41.24 11.31 0.27
C ARG D 101 41.63 11.42 1.74
N ARG D 102 41.10 10.52 2.56
CA ARG D 102 41.39 10.51 3.99
C ARG D 102 42.85 10.83 4.24
N LYS D 103 43.71 10.44 3.29
CA LYS D 103 45.14 10.69 3.42
C LYS D 103 45.41 12.20 3.52
N GLU D 104 45.11 12.92 2.44
CA GLU D 104 45.31 14.36 2.44
C GLU D 104 44.76 14.93 3.75
N PRO D 105 45.55 15.77 4.44
CA PRO D 105 45.13 16.37 5.70
C PRO D 105 43.81 17.14 5.60
N ALA D 106 43.56 17.72 4.43
CA ALA D 106 42.35 18.50 4.22
C ALA D 106 41.10 17.71 4.59
N PHE D 107 40.75 16.75 3.73
CA PHE D 107 39.58 15.94 3.98
C PHE D 107 39.64 15.28 5.35
N ASP D 108 40.83 15.22 5.93
CA ASP D 108 40.98 14.62 7.25
C ASP D 108 40.25 15.49 8.27
N LYS D 109 40.09 16.76 7.93
CA LYS D 109 39.41 17.70 8.81
C LYS D 109 37.91 17.73 8.51
N TRP D 110 37.58 17.56 7.23
CA TRP D 110 36.18 17.56 6.77
C TRP D 110 35.26 16.93 7.81
N VAL D 111 34.05 17.44 7.93
CA VAL D 111 33.09 16.89 8.90
C VAL D 111 31.66 16.66 8.40
N ILE D 112 31.47 15.56 7.66
CA ILE D 112 30.19 15.15 7.13
C ILE D 112 29.41 14.53 8.30
N GLU D 113 28.11 14.76 8.31
CA GLU D 113 27.24 14.26 9.37
C GLU D 113 25.80 14.25 8.91
N GLU D 114 24.97 13.50 9.64
CA GLU D 114 23.54 13.41 9.36
C GLU D 114 22.84 14.48 10.18
N ALA D 115 21.79 15.05 9.61
CA ALA D 115 21.04 16.08 10.30
C ALA D 115 19.95 16.59 9.38
N ASN D 116 18.83 16.97 9.99
CA ASN D 116 17.68 17.49 9.25
C ASN D 116 17.41 18.92 9.70
N TRP D 117 17.10 19.79 8.75
CA TRP D 117 16.81 21.18 9.05
C TRP D 117 15.77 21.34 10.14
N LEU D 118 14.62 20.67 9.97
CA LEU D 118 13.52 20.76 10.93
C LEU D 118 13.91 20.68 12.41
N THR D 119 15.12 20.20 12.69
CA THR D 119 15.62 20.07 14.05
C THR D 119 17.13 20.29 14.03
N LEU D 120 17.59 21.01 13.02
CA LEU D 120 18.99 21.33 12.83
C LEU D 120 19.65 21.84 14.10
N ASP D 121 18.86 22.46 14.97
CA ASP D 121 19.35 23.02 16.21
C ASP D 121 19.88 21.94 17.14
N LYS D 122 19.04 20.96 17.44
CA LYS D 122 19.44 19.88 18.33
C LYS D 122 20.23 18.81 17.57
N ASP D 123 20.70 19.14 16.38
CA ASP D 123 21.46 18.19 15.57
C ASP D 123 22.86 18.69 15.25
N VAL D 124 23.07 19.99 15.34
CA VAL D 124 24.37 20.59 15.07
C VAL D 124 24.73 21.70 16.04
N PRO D 125 25.62 21.41 17.01
CA PRO D 125 26.04 22.40 18.00
C PRO D 125 26.51 23.71 17.36
N ALA D 126 25.59 24.64 17.17
CA ALA D 126 25.93 25.92 16.55
C ALA D 126 27.26 26.46 17.06
N GLY D 127 27.59 26.13 18.30
CA GLY D 127 28.83 26.62 18.88
C GLY D 127 28.79 28.13 18.86
N ASP D 128 29.89 28.75 18.44
CA ASP D 128 29.98 30.21 18.36
C ASP D 128 29.36 30.70 17.06
N GLY D 129 28.75 29.77 16.32
CA GLY D 129 28.13 30.13 15.07
C GLY D 129 29.10 29.95 13.93
N PHE D 130 28.57 29.68 12.74
CA PHE D 130 29.39 29.47 11.57
C PHE D 130 29.61 30.79 10.85
N ASP D 131 30.64 30.85 10.02
CA ASP D 131 30.95 32.04 9.26
C ASP D 131 29.98 32.13 8.10
N ALA D 132 30.04 31.12 7.23
CA ALA D 132 29.16 31.07 6.08
C ALA D 132 28.31 29.80 6.17
N VAL D 133 27.07 29.88 5.72
CA VAL D 133 26.19 28.73 5.75
C VAL D 133 25.52 28.53 4.40
N ILE D 134 26.02 27.59 3.61
CA ILE D 134 25.43 27.37 2.30
C ILE D 134 24.35 26.30 2.24
N CYS D 135 23.33 26.63 1.46
CA CYS D 135 22.16 25.79 1.20
C CYS D 135 21.78 26.03 -0.26
N LEU D 136 22.79 25.96 -1.12
CA LEU D 136 22.61 26.15 -2.57
C LEU D 136 22.23 24.84 -3.26
N GLY D 137 21.65 24.94 -4.45
CA GLY D 137 21.27 23.75 -5.20
C GLY D 137 19.82 23.31 -5.12
N ASN D 138 18.91 24.28 -5.04
CA ASN D 138 17.48 24.00 -4.97
C ASN D 138 17.18 22.87 -3.99
N SER D 139 17.89 22.84 -2.87
CA SER D 139 17.69 21.81 -1.87
C SER D 139 16.51 22.14 -0.95
N PHE D 140 16.38 23.40 -0.55
CA PHE D 140 15.28 23.78 0.34
C PHE D 140 13.92 23.56 -0.29
N ALA D 141 13.85 23.67 -1.61
CA ALA D 141 12.59 23.48 -2.31
C ALA D 141 12.18 22.01 -2.23
N HIS D 142 12.89 21.25 -1.41
CA HIS D 142 12.60 19.84 -1.25
C HIS D 142 11.71 19.60 -0.05
N LEU D 143 11.85 20.43 0.97
CA LEU D 143 11.05 20.32 2.19
C LEU D 143 9.62 20.75 1.94
N PRO D 144 8.68 19.78 1.97
CA PRO D 144 7.25 19.97 1.74
C PRO D 144 6.48 20.54 2.92
N ASP D 145 5.29 21.09 2.65
CA ASP D 145 4.47 21.66 3.71
C ASP D 145 3.30 20.78 4.17
N SER D 146 3.59 19.52 4.48
CA SER D 146 2.57 18.59 4.93
C SER D 146 1.59 19.22 5.92
N LYS D 147 2.07 20.15 6.73
CA LYS D 147 1.22 20.77 7.73
C LYS D 147 0.17 21.73 7.18
N GLY D 148 0.30 22.15 5.93
CA GLY D 148 -0.69 23.06 5.35
C GLY D 148 -0.31 24.53 5.42
N ASP D 149 0.28 24.93 6.55
CA ASP D 149 0.76 26.29 6.77
C ASP D 149 2.26 26.13 6.55
N GLN D 150 2.89 27.07 5.86
CA GLN D 150 4.33 26.94 5.57
C GLN D 150 5.19 26.97 6.82
N SER D 151 4.57 26.59 7.93
CA SER D 151 5.19 26.52 9.24
C SER D 151 6.51 25.73 9.21
N GLU D 152 6.44 24.49 8.75
CA GLU D 152 7.63 23.65 8.68
C GLU D 152 8.71 24.37 7.89
N HIS D 153 8.27 25.31 7.07
CA HIS D 153 9.18 26.11 6.24
C HIS D 153 9.90 27.14 7.10
N ARG D 154 9.13 28.08 7.64
CA ARG D 154 9.67 29.14 8.48
C ARG D 154 10.62 28.62 9.56
N LEU D 155 10.33 27.42 10.07
CA LEU D 155 11.17 26.83 11.12
C LEU D 155 12.51 26.31 10.59
N ALA D 156 12.50 25.61 9.47
CA ALA D 156 13.73 25.09 8.90
C ALA D 156 14.65 26.27 8.63
N LEU D 157 14.11 27.27 7.94
CA LEU D 157 14.88 28.48 7.62
C LEU D 157 15.39 29.09 8.92
N LYS D 158 14.54 29.07 9.94
CA LYS D 158 14.88 29.59 11.24
C LYS D 158 16.09 28.87 11.82
N ASN D 159 15.96 27.55 12.02
CA ASN D 159 17.05 26.74 12.55
C ASN D 159 18.33 26.94 11.74
N ILE D 160 18.23 26.90 10.42
CA ILE D 160 19.37 27.09 9.54
C ILE D 160 20.01 28.43 9.86
N ALA D 161 19.17 29.46 9.87
CA ALA D 161 19.60 30.81 10.16
C ALA D 161 20.33 30.87 11.51
N SER D 162 19.89 30.03 12.44
CA SER D 162 20.48 29.97 13.76
C SER D 162 21.94 29.50 13.73
N MET D 163 22.35 28.89 12.62
CA MET D 163 23.72 28.39 12.48
C MET D 163 24.65 29.47 11.93
N VAL D 164 24.12 30.67 11.76
CA VAL D 164 24.88 31.80 11.24
C VAL D 164 25.27 32.79 12.32
N ARG D 165 26.57 32.88 12.61
CA ARG D 165 27.08 33.80 13.63
C ARG D 165 26.85 35.22 13.16
N PRO D 166 26.84 36.18 14.10
CA PRO D 166 26.62 37.57 13.68
C PRO D 166 27.54 37.90 12.51
N GLY D 167 27.28 39.02 11.85
CA GLY D 167 28.09 39.36 10.70
C GLY D 167 28.18 38.11 9.85
N GLY D 168 27.15 37.28 9.91
CA GLY D 168 27.16 36.04 9.14
C GLY D 168 26.66 36.13 7.70
N LEU D 169 26.71 35.00 7.01
CA LEU D 169 26.28 34.93 5.62
C LEU D 169 25.45 33.66 5.39
N LEU D 170 24.42 33.78 4.56
CA LEU D 170 23.54 32.66 4.24
C LEU D 170 23.36 32.57 2.73
N VAL D 171 23.59 31.39 2.17
CA VAL D 171 23.44 31.21 0.73
C VAL D 171 22.40 30.12 0.38
N ILE D 172 21.13 30.47 0.59
CA ILE D 172 20.02 29.57 0.30
C ILE D 172 19.49 29.90 -1.09
N ASP D 173 19.44 28.91 -1.96
CA ASP D 173 18.94 29.18 -3.31
C ASP D 173 17.62 28.46 -3.61
N HIS D 174 17.09 28.70 -4.81
CA HIS D 174 15.84 28.06 -5.20
C HIS D 174 15.47 28.37 -6.66
N LYS D 175 14.80 27.42 -7.30
CA LYS D 175 14.39 27.60 -8.70
C LYS D 175 13.47 28.80 -8.86
N ASN D 176 13.53 29.42 -10.04
CA ASN D 176 12.69 30.57 -10.34
C ASN D 176 11.30 30.01 -10.62
N TYR D 177 10.64 29.52 -9.58
CA TYR D 177 9.32 28.93 -9.74
C TYR D 177 8.26 29.95 -10.14
N ASP D 178 8.55 31.22 -9.92
CA ASP D 178 7.60 32.25 -10.31
C ASP D 178 7.26 31.90 -11.75
N TYR D 179 8.28 31.97 -12.61
CA TYR D 179 8.16 31.69 -14.04
C TYR D 179 7.49 30.36 -14.33
N ILE D 180 8.08 29.26 -13.86
CA ILE D 180 7.49 27.94 -14.08
C ILE D 180 6.00 28.03 -13.84
N LEU D 181 5.62 28.42 -12.63
CA LEU D 181 4.22 28.54 -12.22
C LEU D 181 3.43 29.39 -13.20
N SER D 182 3.89 30.62 -13.42
CA SER D 182 3.21 31.53 -14.33
C SER D 182 3.15 30.98 -15.75
N THR D 183 4.04 30.05 -16.05
CA THR D 183 4.10 29.47 -17.38
C THR D 183 3.66 28.00 -17.47
N GLY D 184 3.30 27.43 -16.33
CA GLY D 184 2.86 26.04 -16.30
C GLY D 184 3.85 25.01 -16.82
N CYS D 185 5.05 25.46 -17.21
CA CYS D 185 6.08 24.56 -17.72
C CYS D 185 7.50 24.92 -17.25
N ALA D 186 8.20 23.91 -16.74
CA ALA D 186 9.56 24.07 -16.24
C ALA D 186 10.57 23.77 -17.35
N PRO D 187 11.36 24.80 -17.74
CA PRO D 187 12.38 24.68 -18.80
C PRO D 187 13.55 23.75 -18.45
N PRO D 188 13.93 22.86 -19.40
CA PRO D 188 15.03 21.92 -19.23
C PRO D 188 16.34 22.38 -19.89
N GLY D 189 17.46 22.09 -19.22
CA GLY D 189 18.75 22.46 -19.76
C GLY D 189 19.49 23.63 -19.11
N LYS D 190 18.74 24.60 -18.59
CA LYS D 190 19.36 25.77 -17.97
C LYS D 190 19.75 25.58 -16.51
N ASN D 191 20.67 24.66 -16.27
CA ASN D 191 21.17 24.38 -14.91
C ASN D 191 22.41 25.23 -14.65
N ILE D 192 22.20 26.53 -14.48
CA ILE D 192 23.30 27.46 -14.24
C ILE D 192 24.34 26.88 -13.30
N TYR D 193 23.91 26.01 -12.39
CA TYR D 193 24.82 25.39 -11.42
C TYR D 193 25.88 24.53 -12.08
N TYR D 194 25.49 23.77 -13.09
CA TYR D 194 26.42 22.91 -13.80
C TYR D 194 25.82 22.49 -15.15
N LYS D 195 26.48 22.86 -16.24
CA LYS D 195 25.99 22.52 -17.56
C LYS D 195 25.71 21.02 -17.67
N SER D 196 24.42 20.68 -17.78
CA SER D 196 24.01 19.27 -17.88
C SER D 196 24.17 18.70 -19.28
N ASP D 197 25.00 17.67 -19.40
CA ASP D 197 25.25 17.00 -20.68
C ASP D 197 24.23 15.90 -20.89
N LEU D 198 23.08 16.02 -20.23
CA LEU D 198 22.02 15.03 -20.33
C LEU D 198 20.94 15.43 -21.31
N THR D 199 20.29 14.43 -21.91
CA THR D 199 19.20 14.65 -22.85
C THR D 199 17.95 13.96 -22.34
N LYS D 200 17.22 14.64 -21.47
CA LYS D 200 16.00 14.11 -20.90
C LYS D 200 14.87 15.12 -21.06
N ASP D 201 13.65 14.63 -21.23
CA ASP D 201 12.51 15.52 -21.38
C ASP D 201 11.99 15.88 -19.99
N ILE D 202 11.17 16.92 -19.93
CA ILE D 202 10.63 17.36 -18.64
C ILE D 202 9.11 17.59 -18.71
N THR D 203 8.39 16.95 -17.78
CA THR D 203 6.94 17.09 -17.70
C THR D 203 6.59 17.77 -16.37
N THR D 204 6.42 19.09 -16.45
CA THR D 204 6.10 19.90 -15.28
C THR D 204 4.68 19.65 -14.81
N SER D 205 4.54 19.22 -13.55
CA SER D 205 3.23 18.93 -12.98
C SER D 205 2.93 19.80 -11.76
N VAL D 206 2.17 20.87 -11.95
CA VAL D 206 1.83 21.73 -10.83
C VAL D 206 0.54 21.25 -10.17
N LEU D 207 0.57 21.12 -8.85
CA LEU D 207 -0.58 20.67 -8.05
C LEU D 207 -1.15 21.87 -7.29
N THR D 208 -2.47 21.93 -7.18
CA THR D 208 -3.15 23.03 -6.51
C THR D 208 -4.12 22.64 -5.39
N VAL D 209 -3.98 23.32 -4.25
CA VAL D 209 -4.85 23.07 -3.12
C VAL D 209 -5.52 24.36 -2.67
N ASN D 210 -6.82 24.44 -2.89
CA ASN D 210 -7.59 25.61 -2.50
C ASN D 210 -7.02 26.91 -3.08
N ASN D 211 -6.61 26.83 -4.36
CA ASN D 211 -6.08 27.99 -5.07
C ASN D 211 -4.63 28.35 -4.74
N LYS D 212 -3.93 27.48 -4.03
CA LYS D 212 -2.54 27.73 -3.68
C LYS D 212 -1.63 26.65 -4.29
N ALA D 213 -0.54 27.08 -4.91
CA ALA D 213 0.39 26.12 -5.53
C ALA D 213 1.04 25.29 -4.43
N HIS D 214 0.60 24.05 -4.27
CA HIS D 214 1.10 23.17 -3.23
C HIS D 214 2.33 22.35 -3.60
N MET D 215 2.50 22.01 -4.88
CA MET D 215 3.66 21.21 -5.28
C MET D 215 3.97 21.21 -6.76
N VAL D 216 5.25 21.12 -7.11
CA VAL D 216 5.68 21.08 -8.50
C VAL D 216 6.51 19.82 -8.70
N THR D 217 5.95 18.87 -9.46
CA THR D 217 6.61 17.60 -9.72
C THR D 217 7.01 17.43 -11.17
N LEU D 218 8.31 17.56 -11.43
CA LEU D 218 8.86 17.44 -12.77
C LEU D 218 9.28 16.01 -13.08
N ASP D 219 8.85 15.51 -14.24
CA ASP D 219 9.21 14.16 -14.67
C ASP D 219 10.31 14.24 -15.74
N TYR D 220 11.52 13.86 -15.34
CA TYR D 220 12.65 13.90 -16.26
C TYR D 220 12.89 12.55 -16.89
N THR D 221 12.40 12.38 -18.11
CA THR D 221 12.60 11.14 -18.84
C THR D 221 13.98 11.26 -19.47
N VAL D 222 15.01 10.94 -18.70
CA VAL D 222 16.38 11.02 -19.18
C VAL D 222 16.63 9.93 -20.22
N GLN D 223 17.46 10.23 -21.20
CA GLN D 223 17.76 9.29 -22.27
C GLN D 223 19.19 8.76 -22.16
N VAL D 224 19.31 7.44 -21.99
CA VAL D 224 20.61 6.80 -21.87
C VAL D 224 21.22 6.70 -23.26
N PRO D 225 22.23 7.54 -23.54
CA PRO D 225 22.88 7.51 -24.85
C PRO D 225 22.91 6.12 -25.50
N GLY D 226 23.10 5.08 -24.70
CA GLY D 226 23.14 3.74 -25.24
C GLY D 226 22.28 2.73 -24.51
N ALA D 227 21.06 2.53 -25.01
CA ALA D 227 20.12 1.60 -24.42
C ALA D 227 19.20 1.03 -25.49
N GLY D 228 19.52 1.32 -26.76
CA GLY D 228 18.72 0.85 -27.86
C GLY D 228 19.36 -0.29 -28.62
N ARG D 229 18.80 -0.64 -29.78
CA ARG D 229 19.31 -1.74 -30.60
C ARG D 229 20.63 -1.45 -31.30
N ASP D 230 20.54 -0.92 -32.51
CA ASP D 230 21.75 -0.61 -33.30
C ASP D 230 22.51 0.56 -32.69
N GLY D 231 23.07 0.34 -31.51
CA GLY D 231 23.82 1.39 -30.85
C GLY D 231 22.91 2.48 -30.30
N ALA D 232 21.61 2.28 -30.46
CA ALA D 232 20.62 3.24 -29.99
C ALA D 232 20.68 3.46 -28.49
N PRO D 233 20.02 4.53 -28.02
CA PRO D 233 19.94 4.91 -26.61
C PRO D 233 18.58 4.48 -26.03
N GLY D 234 18.56 4.21 -24.73
CA GLY D 234 17.33 3.81 -24.07
C GLY D 234 16.62 4.97 -23.40
N PHE D 235 15.50 4.69 -22.77
CA PHE D 235 14.74 5.73 -22.09
C PHE D 235 14.27 5.32 -20.70
N SER D 236 14.45 6.21 -19.73
CA SER D 236 14.05 5.95 -18.37
C SER D 236 13.75 7.27 -17.67
N LYS D 237 12.55 7.37 -17.11
CA LYS D 237 12.14 8.59 -16.42
C LYS D 237 12.40 8.56 -14.92
N PHE D 238 12.23 9.72 -14.29
CA PHE D 238 12.41 9.89 -12.86
C PHE D 238 11.85 11.26 -12.50
N ARG D 239 10.80 11.27 -11.70
CA ARG D 239 10.16 12.51 -11.29
C ARG D 239 10.54 12.91 -9.86
N LEU D 240 10.66 14.20 -9.64
CA LEU D 240 11.00 14.72 -8.32
C LEU D 240 10.04 15.83 -7.93
N SER D 241 9.83 15.98 -6.63
CA SER D 241 8.92 16.99 -6.11
C SER D 241 9.57 18.10 -5.29
N TYR D 242 9.37 19.33 -5.73
CA TYR D 242 9.90 20.50 -5.04
C TYR D 242 8.72 21.41 -4.70
N TYR D 243 8.93 22.32 -3.75
CA TYR D 243 7.90 23.24 -3.35
C TYR D 243 8.06 24.54 -4.12
N PRO D 244 7.06 24.89 -4.95
CA PRO D 244 7.10 26.12 -5.76
C PRO D 244 7.26 27.40 -4.93
N HIS D 245 8.50 27.73 -4.60
CA HIS D 245 8.78 28.93 -3.83
C HIS D 245 8.96 30.12 -4.76
N CYS D 246 8.19 31.18 -4.51
CA CYS D 246 8.30 32.39 -5.31
C CYS D 246 9.18 33.39 -4.56
N LEU D 247 9.91 34.22 -5.29
CA LEU D 247 10.80 35.18 -4.66
C LEU D 247 10.13 35.97 -3.55
N ALA D 248 9.02 36.63 -3.87
CA ALA D 248 8.29 37.41 -2.88
C ALA D 248 8.21 36.67 -1.55
N SER D 249 7.55 35.52 -1.58
CA SER D 249 7.38 34.70 -0.39
C SER D 249 8.73 34.38 0.24
N PHE D 250 9.59 33.71 -0.51
CA PHE D 250 10.91 33.33 -0.02
C PHE D 250 11.64 34.51 0.60
N THR D 251 11.88 35.54 -0.21
CA THR D 251 12.56 36.73 0.30
C THR D 251 11.99 37.05 1.68
N GLU D 252 10.67 37.08 1.78
CA GLU D 252 10.04 37.36 3.05
C GLU D 252 10.46 36.26 4.01
N LEU D 253 9.93 35.07 3.77
CA LEU D 253 10.22 33.89 4.57
C LEU D 253 11.65 33.81 5.10
N VAL D 254 12.63 34.19 4.30
CA VAL D 254 14.03 34.12 4.73
C VAL D 254 14.43 35.10 5.83
N GLN D 255 14.24 36.39 5.59
CA GLN D 255 14.61 37.40 6.57
C GLN D 255 13.92 37.18 7.91
N GLU D 256 12.75 36.53 7.87
CA GLU D 256 12.00 36.28 9.09
C GLU D 256 12.79 35.45 10.09
N ALA D 257 13.22 34.25 9.68
CA ALA D 257 13.98 33.40 10.57
C ALA D 257 15.06 34.25 11.20
N PHE D 258 15.44 35.31 10.48
CA PHE D 258 16.47 36.23 10.93
C PHE D 258 15.98 37.24 11.96
N GLY D 259 14.76 37.71 11.77
CA GLY D 259 14.20 38.69 12.70
C GLY D 259 14.61 40.09 12.29
N GLY D 260 14.51 40.38 11.00
CA GLY D 260 14.87 41.69 10.51
C GLY D 260 16.30 42.09 10.81
N ARG D 261 17.01 41.25 11.56
CA ARG D 261 18.40 41.52 11.93
C ARG D 261 19.42 40.95 10.95
N CYS D 262 19.45 41.49 9.75
CA CYS D 262 20.40 41.03 8.73
C CYS D 262 20.48 41.98 7.54
N GLN D 263 21.09 41.49 6.47
CA GLN D 263 21.23 42.26 5.22
C GLN D 263 21.01 41.27 4.09
N HIS D 264 19.79 41.24 3.56
CA HIS D 264 19.44 40.32 2.49
C HIS D 264 19.64 40.89 1.09
N SER D 265 19.94 40.01 0.14
CA SER D 265 20.15 40.40 -1.26
C SER D 265 20.08 39.15 -2.12
N VAL D 266 19.32 39.22 -3.22
CA VAL D 266 19.16 38.06 -4.11
C VAL D 266 19.70 38.27 -5.51
N LEU D 267 20.49 37.30 -5.99
CA LEU D 267 21.07 37.37 -7.31
C LEU D 267 20.19 36.65 -8.32
N GLY D 268 20.25 37.10 -9.57
CA GLY D 268 19.46 36.50 -10.64
C GLY D 268 19.98 35.12 -10.95
N ASP D 269 21.22 35.05 -11.41
CA ASP D 269 21.85 33.77 -11.71
C ASP D 269 23.14 33.84 -10.91
N PHE D 270 23.82 34.95 -11.05
CA PHE D 270 25.04 35.23 -10.32
C PHE D 270 25.33 36.72 -10.40
N LYS D 271 24.38 37.46 -10.96
CA LYS D 271 24.50 38.91 -11.13
C LYS D 271 23.37 39.65 -10.43
N PRO D 272 23.50 40.97 -10.31
CA PRO D 272 22.45 41.76 -9.63
C PRO D 272 21.09 41.59 -10.33
N TYR D 273 20.07 41.21 -9.55
CA TYR D 273 18.75 41.00 -10.10
C TYR D 273 17.78 42.09 -9.70
N ARG D 274 17.18 42.76 -10.69
CA ARG D 274 16.22 43.82 -10.44
C ARG D 274 14.88 43.45 -11.06
N PRO D 275 13.78 43.71 -10.33
CA PRO D 275 12.44 43.40 -10.83
C PRO D 275 12.16 43.99 -12.21
N GLY D 276 11.49 43.22 -13.06
CA GLY D 276 11.18 43.70 -14.39
C GLY D 276 12.29 43.47 -15.41
N GLN D 277 13.54 43.41 -14.94
CA GLN D 277 14.66 43.19 -15.84
C GLN D 277 14.31 42.11 -16.86
N ALA D 278 14.44 42.46 -18.14
CA ALA D 278 14.13 41.56 -19.25
C ALA D 278 14.63 40.13 -19.11
N TYR D 279 15.79 39.94 -18.47
CA TYR D 279 16.33 38.59 -18.32
C TYR D 279 15.61 37.73 -17.27
N VAL D 280 15.17 36.56 -17.71
CA VAL D 280 14.47 35.63 -16.84
C VAL D 280 15.46 34.64 -16.25
N PRO D 281 15.86 34.87 -14.98
CA PRO D 281 16.81 33.96 -14.32
C PRO D 281 16.24 32.57 -14.12
N CYS D 282 17.05 31.68 -13.57
CA CYS D 282 16.63 30.30 -13.34
C CYS D 282 16.83 29.91 -11.87
N TYR D 283 17.80 30.54 -11.22
CA TYR D 283 18.11 30.24 -9.83
C TYR D 283 18.31 31.49 -8.99
N PHE D 284 17.35 31.80 -8.13
CA PHE D 284 17.46 32.97 -7.27
C PHE D 284 18.36 32.60 -6.10
N ILE D 285 19.39 33.42 -5.88
CA ILE D 285 20.34 33.15 -4.79
C ILE D 285 20.25 34.18 -3.67
N HIS D 286 19.74 33.76 -2.52
CA HIS D 286 19.59 34.66 -1.40
C HIS D 286 20.77 34.57 -0.44
N VAL D 287 21.42 35.72 -0.25
CA VAL D 287 22.57 35.83 0.65
C VAL D 287 22.19 36.74 1.82
N LEU D 288 22.46 36.26 3.03
CA LEU D 288 22.14 37.01 4.23
C LEU D 288 23.32 37.28 5.17
N LYS D 289 23.56 38.58 5.37
CA LYS D 289 24.61 39.00 6.27
C LYS D 289 23.86 39.19 7.58
N LYS D 290 23.63 38.07 8.27
CA LYS D 290 22.93 38.12 9.55
C LYS D 290 23.65 39.14 10.38
N THR D 291 23.11 40.36 10.46
CA THR D 291 23.77 41.39 11.25
C THR D 291 23.07 41.57 12.60
N GLY D 292 23.29 40.60 13.49
CA GLY D 292 22.70 40.64 14.81
C GLY D 292 23.15 39.45 15.64
N SAH E . -19.36 -17.18 -0.36
CA SAH E . -17.97 -17.71 -0.42
CB SAH E . -17.69 -18.60 0.81
CG SAH E . -17.60 -17.83 2.12
SD SAH E . -18.97 -18.21 3.22
C SAH E . -17.75 -18.53 -1.68
O SAH E . -18.63 -18.49 -2.57
OXT SAH E . -16.71 -19.19 -1.77
C5' SAH E . -20.22 -17.09 2.59
C4' SAH E . -20.27 -15.80 3.38
O4' SAH E . -19.50 -15.81 4.59
C3' SAH E . -19.77 -14.56 2.64
O3' SAH E . -20.85 -13.84 2.05
C2' SAH E . -19.17 -13.74 3.78
O2' SAH E . -19.50 -12.35 3.71
C1' SAH E . -19.74 -14.45 4.98
N9 SAH E . -19.22 -14.04 6.30
C8 SAH E . -17.98 -14.25 6.75
N7 SAH E . -17.79 -13.64 7.92
C5 SAH E . -18.95 -13.05 8.16
C6 SAH E . -19.24 -12.39 9.35
N6 SAH E . -18.29 -12.11 10.24
N1 SAH E . -20.52 -12.00 9.50
C2 SAH E . -21.42 -12.24 8.54
N3 SAH E . -21.12 -12.88 7.41
C4 SAH E . -19.87 -13.30 7.19
N SAH F . 25.82 -9.26 11.93
CA SAH F . 24.90 -9.19 13.09
CB SAH F . 23.74 -10.18 12.89
CG SAH F . 22.67 -9.72 11.90
SD SAH F . 23.19 -9.89 10.19
C SAH F . 25.64 -9.51 14.37
O SAH F . 24.98 -9.62 15.43
OXT SAH F . 26.87 -9.64 14.32
C5' SAH F . 22.16 -8.65 9.38
C4' SAH F . 22.93 -7.84 8.35
O4' SAH F . 23.24 -8.57 7.14
C3' SAH F . 22.13 -6.64 7.92
O3' SAH F . 23.01 -5.53 7.75
C2' SAH F . 21.59 -7.03 6.56
O2' SAH F . 21.53 -5.83 5.81
C1' SAH F . 22.66 -7.93 5.99
N9 SAH F . 22.16 -8.94 5.02
C8 SAH F . 20.89 -9.36 4.88
N7 SAH F . 20.72 -10.05 3.75
C5 SAH F . 21.93 -10.05 3.20
C6 SAH F . 22.23 -10.71 2.02
N6 SAH F . 21.29 -11.04 1.13
N1 SAH F . 23.53 -10.70 1.69
C2 SAH F . 24.42 -10.08 2.44
N3 SAH F . 24.11 -9.43 3.56
C4 SAH F . 22.84 -9.41 3.98
N SAH G . -26.85 9.74 -8.24
CA SAH G . -26.07 10.81 -8.94
CB SAH G . -24.90 10.20 -9.72
CG SAH G . -23.54 10.74 -9.34
SD SAH G . -22.22 9.94 -10.25
C SAH G . -26.97 11.59 -9.88
O SAH G . -27.64 12.54 -9.42
OXT SAH G . -27.00 11.24 -11.08
C5' SAH G . -23.05 8.44 -10.77
C4' SAH G . -22.15 7.24 -11.09
O4' SAH G . -21.08 7.41 -12.00
C3' SAH G . -21.52 6.52 -9.92
O3' SAH G . -22.42 5.49 -9.51
C2' SAH G . -20.32 5.83 -10.55
O2' SAH G . -20.38 4.45 -10.21
C1' SAH G . -20.57 6.08 -12.03
N9 SAH G . -19.47 5.86 -12.98
C8 SAH G . -18.21 6.33 -12.92
N7 SAH G . -17.49 5.89 -13.96
C5 SAH G . -18.33 5.15 -14.67
C6 SAH G . -17.98 4.39 -15.78
N6 SAH G . -16.73 4.23 -16.20
N1 SAH G . -18.98 3.65 -16.29
C2 SAH G . -20.18 3.64 -15.73
N3 SAH G . -20.50 4.34 -14.66
C4 SAH G . -19.58 5.13 -14.09
N SAH H . 21.43 20.34 -7.16
CA SAH H . 21.85 19.13 -6.40
CB SAH H . 20.65 18.52 -5.67
CG SAH H . 20.88 18.28 -4.18
SD SAH H . 19.39 18.52 -3.18
C SAH H . 22.47 18.11 -7.36
O SAH H . 23.58 17.62 -7.05
OXT SAH H . 21.85 17.81 -8.39
C5' SAH H . 19.06 16.83 -2.63
C4' SAH H . 19.82 16.46 -1.36
O4' SAH H . 19.36 17.27 -0.28
C3' SAH H . 19.60 15.05 -0.84
O3' SAH H . 20.68 14.72 0.03
C2' SAH H . 18.44 15.16 0.12
O2' SAH H . 18.62 14.08 1.03
C1' SAH H . 18.81 16.46 0.78
N9 SAH H . 17.69 17.06 1.53
C8 SAH H . 16.38 16.99 1.22
N7 SAH H . 15.60 17.39 2.22
C5 SAH H . 16.45 17.71 3.18
C6 SAH H . 16.06 17.94 4.48
N6 SAH H . 14.79 17.97 4.88
N1 SAH H . 17.07 18.00 5.37
C2 SAH H . 18.33 17.85 4.98
N3 SAH H . 18.69 17.61 3.73
C4 SAH H . 17.75 17.51 2.79
#